data_9L20
#
_entry.id   9L20
#
_cell.length_a   1.00
_cell.length_b   1.00
_cell.length_c   1.00
_cell.angle_alpha   90.00
_cell.angle_beta   90.00
_cell.angle_gamma   90.00
#
_symmetry.space_group_name_H-M   'P 1'
#
loop_
_entity.id
_entity.type
_entity.pdbx_description
1 polymer 'Vitamin K-dependent gamma-carboxylase'
2 polymer 'Vitamin K-dependent protein S'
3 branched 2-acetamido-2-deoxy-beta-D-glucopyranose-(1-4)-2-acetamido-2-deoxy-beta-D-glucopyranose
4 non-polymer 2-acetamido-2-deoxy-beta-D-glucopyranose
5 non-polymer 2-(4-methoxyphenyl)-1H-indene-1,3(2H)-dione
6 non-polymer CHOLESTEROL
7 non-polymer 1,2-dioleoyl-sn-glycero-3-phosphoethanolamine
8 non-polymer 'CHOLESTEROL HEMISUCCINATE'
9 non-polymer 'BICARBONATE ION'
#
loop_
_entity_poly.entity_id
_entity_poly.type
_entity_poly.pdbx_seq_one_letter_code
_entity_poly.pdbx_strand_id
1 'polypeptide(L)'
;SRIGKLLGFEWTDLSSWRRLVTLLNRPTDPASLAVFRFLFGFLMVLDIPQERGLSSLDRKYLDGLDVCRFPLLDALRPLP
LDWMYLVYTIMFLGALGMMLGLCYRISCVLFLLPYWYVFLLDKTSWNNHSYLYGLLAFQLTFMDANHYWSVDGLLNAHRR
NAHVPLWNYAVLRGQIFIVYFIAGVKKLDADWVEGYSMEYLSRHWLFSPFKLLLSEELTSLLVVHWGGLLLDLSAGFLLF
FDVSRSIGLFFVSYFHCMNSQLFSIGMFSYVMLASSPLFCSPEWPRKLVSYCPRRLQQLLPLKAAPQPSVSCVYKRSRGK
SGQKPGLRHQLGAAFTLLYLLEQLFLPYSHFLTQGYNNWTNGLYGYSWDMMVHSRSHQHVKITYRDGRTGELGYLNPGVF
TQSRRWKDHADMLKQYATCLSRLLPKYNVTEPQIYFDIWVSINDRFQQRIFDPRVDIVQAAWSPFQRTSWVQPLLMDLSP
WRAKLQEIKSSLDNHTEVVFIADFPGLHLENFVSEDLGNTSIQLLQGEVTVELVAEQKNQTLREGEKMQLPAGEYHKVYT
TSPSPSCYMYVYVNTTELALEQDLAYLQELKEKVENGSETGPLPPELQPLLEGEVKGGPEPTPLVQTFLRRQQRLQEIER
RRNTPFHERFFRFLLRKLYVFRRSFLMTCISLRNLILGRPSLEQLAQEVTYANLRPFE
;
A
2 'polypeptide(L)' ANFLSKQQASQVLVRKRRANSLLEET B
#
loop_
_chem_comp.id
_chem_comp.type
_chem_comp.name
_chem_comp.formula
A1AT0 non-polymer 2-(4-methoxyphenyl)-1H-indene-1,3(2H)-dione 'C16 H12 O3'
BCT non-polymer 'BICARBONATE ION' 'C H O3 -1'
CLR non-polymer CHOLESTEROL 'C27 H46 O'
NAG D-saccharide, beta linking 2-acetamido-2-deoxy-beta-D-glucopyranose 'C8 H15 N O6'
PEE non-polymer 1,2-dioleoyl-sn-glycero-3-phosphoethanolamine 'C41 H78 N O8 P'
Y01 non-polymer 'CHOLESTEROL HEMISUCCINATE' 'C31 H50 O4'
#
# COMPACT_ATOMS: atom_id res chain seq x y z
N SER A 1 -9.38 -35.41 -29.55
CA SER A 1 -8.74 -34.13 -29.31
C SER A 1 -9.37 -33.41 -28.14
N ARG A 2 -9.63 -34.14 -27.05
CA ARG A 2 -10.18 -33.51 -25.85
C ARG A 2 -9.19 -32.50 -25.27
N ILE A 3 -7.90 -32.86 -25.23
CA ILE A 3 -6.89 -31.92 -24.78
C ILE A 3 -6.83 -30.72 -25.71
N GLY A 4 -6.98 -30.95 -27.02
CA GLY A 4 -7.00 -29.86 -27.97
C GLY A 4 -8.20 -28.95 -27.80
N LYS A 5 -9.24 -29.40 -27.10
CA LYS A 5 -10.38 -28.55 -26.81
C LYS A 5 -10.25 -27.85 -25.46
N LEU A 6 -9.63 -28.49 -24.48
CA LEU A 6 -9.45 -27.86 -23.18
C LEU A 6 -8.37 -26.79 -23.23
N LEU A 7 -7.23 -27.10 -23.85
CA LEU A 7 -6.09 -26.19 -23.84
C LEU A 7 -5.98 -25.32 -25.08
N GLY A 8 -6.70 -25.64 -26.14
CA GLY A 8 -6.62 -24.88 -27.37
C GLY A 8 -5.46 -25.25 -28.27
N PHE A 9 -4.63 -26.22 -27.89
CA PHE A 9 -3.53 -26.69 -28.72
C PHE A 9 -3.30 -28.16 -28.42
N GLU A 10 -2.31 -28.73 -29.08
CA GLU A 10 -1.98 -30.14 -28.95
C GLU A 10 -0.58 -30.31 -28.38
N TRP A 11 -0.33 -31.49 -27.81
CA TRP A 11 0.98 -31.75 -27.20
C TRP A 11 2.10 -31.77 -28.21
N THR A 12 1.79 -31.95 -29.50
CA THR A 12 2.83 -32.00 -30.52
C THR A 12 3.33 -30.61 -30.92
N ASP A 13 2.59 -29.55 -30.60
CA ASP A 13 3.04 -28.21 -30.94
C ASP A 13 4.23 -27.77 -30.10
N LEU A 14 4.50 -28.45 -28.99
CA LEU A 14 5.58 -28.10 -28.10
C LEU A 14 6.81 -28.99 -28.28
N SER A 15 6.85 -29.79 -29.34
CA SER A 15 7.93 -30.74 -29.55
C SER A 15 9.10 -30.15 -30.33
N SER A 16 8.98 -28.93 -30.83
CA SER A 16 10.07 -28.32 -31.59
C SER A 16 9.97 -26.80 -31.47
N TRP A 17 11.11 -26.14 -31.64
CA TRP A 17 11.15 -24.69 -31.53
C TRP A 17 10.33 -24.04 -32.64
N ARG A 18 10.45 -24.55 -33.87
CA ARG A 18 9.71 -23.96 -34.99
C ARG A 18 8.21 -24.10 -34.80
N ARG A 19 7.76 -25.27 -34.33
CA ARG A 19 6.33 -25.46 -34.10
C ARG A 19 5.83 -24.54 -32.98
N LEU A 20 6.63 -24.36 -31.92
CA LEU A 20 6.24 -23.47 -30.84
C LEU A 20 6.14 -22.03 -31.32
N VAL A 21 7.09 -21.59 -32.15
CA VAL A 21 7.04 -20.24 -32.70
C VAL A 21 5.83 -20.07 -33.60
N THR A 22 5.51 -21.10 -34.39
CA THR A 22 4.33 -21.03 -35.24
C THR A 22 3.06 -20.96 -34.42
N LEU A 23 2.99 -21.71 -33.32
CA LEU A 23 1.80 -21.69 -32.46
C LEU A 23 1.65 -20.34 -31.76
N LEU A 24 2.74 -19.76 -31.28
CA LEU A 24 2.65 -18.54 -30.50
C LEU A 24 2.42 -17.30 -31.34
N ASN A 25 2.39 -17.42 -32.66
CA ASN A 25 2.08 -16.31 -33.55
C ASN A 25 0.80 -16.56 -34.34
N ARG A 26 -0.06 -17.43 -33.82
CA ARG A 26 -1.33 -17.73 -34.46
C ARG A 26 -2.20 -16.47 -34.52
N PRO A 27 -2.85 -16.21 -35.65
CA PRO A 27 -3.70 -15.01 -35.74
C PRO A 27 -4.88 -15.08 -34.78
N THR A 28 -5.27 -13.91 -34.26
CA THR A 28 -6.34 -13.81 -33.28
C THR A 28 -7.10 -12.51 -33.51
N ASP A 29 -8.33 -12.47 -33.00
CA ASP A 29 -9.18 -11.29 -33.07
C ASP A 29 -8.70 -10.24 -32.06
N PRO A 30 -8.58 -8.98 -32.46
CA PRO A 30 -8.06 -7.94 -31.55
C PRO A 30 -9.08 -7.16 -30.75
N ALA A 31 -10.33 -7.63 -30.63
CA ALA A 31 -11.37 -6.81 -30.01
C ALA A 31 -11.17 -6.68 -28.50
N SER A 32 -10.92 -7.80 -27.83
CA SER A 32 -10.76 -7.78 -26.38
C SER A 32 -9.57 -6.94 -25.96
N LEU A 33 -8.47 -7.06 -26.70
CA LEU A 33 -7.27 -6.29 -26.40
C LEU A 33 -7.53 -4.78 -26.50
N ALA A 34 -8.28 -4.37 -27.52
CA ALA A 34 -8.61 -2.96 -27.68
C ALA A 34 -9.49 -2.46 -26.54
N VAL A 35 -10.49 -3.25 -26.14
CA VAL A 35 -11.36 -2.84 -25.04
C VAL A 35 -10.56 -2.71 -23.74
N PHE A 36 -9.66 -3.66 -23.49
CA PHE A 36 -8.82 -3.58 -22.29
C PHE A 36 -7.90 -2.37 -22.33
N ARG A 37 -7.31 -2.08 -23.50
CA ARG A 37 -6.45 -0.92 -23.61
C ARG A 37 -7.22 0.36 -23.32
N PHE A 38 -8.43 0.48 -23.85
CA PHE A 38 -9.23 1.68 -23.61
C PHE A 38 -9.54 1.85 -22.12
N LEU A 39 -9.97 0.76 -21.47
CA LEU A 39 -10.31 0.85 -20.05
C LEU A 39 -9.08 1.18 -19.19
N PHE A 40 -7.94 0.55 -19.48
CA PHE A 40 -6.72 0.83 -18.72
C PHE A 40 -6.28 2.28 -18.90
N GLY A 41 -6.33 2.80 -20.13
CA GLY A 41 -5.97 4.19 -20.32
C GLY A 41 -6.89 5.14 -19.58
N PHE A 42 -8.20 4.85 -19.60
CA PHE A 42 -9.15 5.69 -18.87
C PHE A 42 -8.87 5.67 -17.38
N LEU A 43 -8.60 4.50 -16.82
CA LEU A 43 -8.33 4.40 -15.39
C LEU A 43 -7.03 5.12 -15.00
N MET A 44 -6.00 5.04 -15.84
CA MET A 44 -4.76 5.77 -15.54
C MET A 44 -4.97 7.28 -15.63
N VAL A 45 -5.76 7.74 -16.59
CA VAL A 45 -6.10 9.16 -16.65
C VAL A 45 -6.80 9.60 -15.37
N LEU A 46 -7.74 8.78 -14.88
CA LEU A 46 -8.44 9.13 -13.66
C LEU A 46 -7.54 9.05 -12.42
N ASP A 47 -6.53 8.19 -12.45
CA ASP A 47 -5.69 7.95 -11.29
C ASP A 47 -4.53 8.90 -11.15
N ILE A 48 -4.07 9.50 -12.25
CA ILE A 48 -2.89 10.38 -12.17
C ILE A 48 -3.08 11.56 -11.21
N PRO A 49 -4.19 12.31 -11.25
CA PRO A 49 -4.31 13.45 -10.33
C PRO A 49 -4.58 13.06 -8.89
N GLN A 50 -5.04 11.84 -8.62
CA GLN A 50 -5.48 11.49 -7.27
C GLN A 50 -4.39 10.78 -6.46
N GLU A 51 -3.95 9.61 -6.91
CA GLU A 51 -2.98 8.85 -6.11
C GLU A 51 -1.54 9.18 -6.44
N ARG A 52 -1.22 9.54 -7.68
CA ARG A 52 0.16 9.85 -8.01
C ARG A 52 0.61 11.19 -7.43
N GLY A 53 -0.33 12.02 -6.99
CA GLY A 53 0.03 13.25 -6.30
C GLY A 53 0.33 14.41 -7.21
N LEU A 54 -0.52 14.65 -8.21
CA LEU A 54 -0.40 15.86 -9.01
C LEU A 54 -0.95 17.08 -8.26
N SER A 55 -1.91 16.88 -7.36
CA SER A 55 -2.50 17.99 -6.63
C SER A 55 -1.68 18.39 -5.40
N SER A 56 -0.71 17.58 -4.97
CA SER A 56 0.13 17.89 -3.83
C SER A 56 1.59 18.03 -4.23
N LEU A 57 1.86 18.27 -5.51
CA LEU A 57 3.23 18.38 -5.99
C LEU A 57 3.93 19.58 -5.37
N ASP A 58 3.23 20.71 -5.24
CA ASP A 58 3.84 21.91 -4.68
C ASP A 58 4.19 21.71 -3.21
N ARG A 59 3.42 20.90 -2.49
CA ARG A 59 3.76 20.62 -1.10
C ARG A 59 4.90 19.62 -1.00
N LYS A 60 4.93 18.62 -1.87
CA LYS A 60 5.93 17.57 -1.76
C LYS A 60 7.30 18.03 -2.22
N TYR A 61 7.37 18.76 -3.33
CA TYR A 61 8.65 19.13 -3.94
C TYR A 61 8.86 20.64 -3.89
N LEU A 62 8.53 21.25 -2.76
CA LEU A 62 8.72 22.68 -2.57
C LEU A 62 10.21 23.03 -2.67
N ASP A 63 10.48 24.18 -3.28
CA ASP A 63 11.85 24.67 -3.43
C ASP A 63 12.40 25.18 -2.11
N GLY A 64 13.68 24.92 -1.88
CA GLY A 64 14.35 25.39 -0.68
C GLY A 64 13.80 24.79 0.59
N LEU A 65 13.94 23.47 0.75
CA LEU A 65 13.40 22.78 1.90
C LEU A 65 14.40 21.74 2.38
N ASP A 66 14.34 21.44 3.68
CA ASP A 66 15.16 20.41 4.30
C ASP A 66 14.30 19.17 4.46
N VAL A 67 14.48 18.20 3.58
CA VAL A 67 13.73 16.94 3.63
C VAL A 67 14.71 15.79 3.45
N CYS A 68 14.46 14.71 4.21
CA CYS A 68 15.12 13.44 3.96
C CYS A 68 14.27 12.65 2.97
N ARG A 69 14.88 12.23 1.88
CA ARG A 69 14.21 11.44 0.85
C ARG A 69 14.78 10.03 0.83
N PHE A 70 13.97 9.09 0.33
CA PHE A 70 14.31 7.67 0.35
C PHE A 70 14.18 7.07 -1.05
N PRO A 71 15.14 7.35 -1.93
CA PRO A 71 15.14 6.72 -3.26
C PRO A 71 15.81 5.35 -3.25
N LEU A 72 15.51 4.57 -4.27
CA LEU A 72 16.16 3.27 -4.41
C LEU A 72 17.65 3.41 -4.66
N LEU A 73 18.03 4.34 -5.53
CA LEU A 73 19.43 4.66 -5.81
C LEU A 73 19.70 6.08 -5.36
N ASP A 74 20.74 6.27 -4.54
CA ASP A 74 21.04 7.59 -4.01
C ASP A 74 21.51 8.57 -5.08
N ALA A 75 21.85 8.07 -6.27
CA ALA A 75 22.20 8.94 -7.39
C ALA A 75 20.99 9.57 -8.06
N LEU A 76 19.78 9.16 -7.71
CA LEU A 76 18.57 9.71 -8.29
C LEU A 76 18.07 10.87 -7.44
N ARG A 77 17.84 12.01 -8.06
CA ARG A 77 17.34 13.18 -7.36
C ARG A 77 16.17 13.80 -8.12
N PRO A 78 15.23 14.40 -7.42
CA PRO A 78 14.14 15.11 -8.10
C PRO A 78 14.62 16.40 -8.76
N LEU A 79 13.87 16.81 -9.78
CA LEU A 79 14.12 18.06 -10.47
C LEU A 79 13.44 19.19 -9.72
N PRO A 80 13.67 20.45 -10.14
CA PRO A 80 12.87 21.55 -9.60
C PRO A 80 11.37 21.35 -9.84
N LEU A 81 10.58 22.22 -9.22
CA LEU A 81 9.13 22.04 -9.24
C LEU A 81 8.55 22.16 -10.64
N ASP A 82 9.03 23.13 -11.43
CA ASP A 82 8.50 23.34 -12.76
C ASP A 82 8.76 22.13 -13.66
N TRP A 83 9.95 21.55 -13.57
CA TRP A 83 10.26 20.36 -14.36
C TRP A 83 9.47 19.15 -13.87
N MET A 84 9.17 19.08 -12.58
CA MET A 84 8.30 18.01 -12.09
C MET A 84 6.89 18.14 -12.69
N TYR A 85 6.39 19.36 -12.77
CA TYR A 85 5.09 19.57 -13.40
C TYR A 85 5.12 19.18 -14.87
N LEU A 86 6.22 19.49 -15.56
CA LEU A 86 6.34 19.07 -16.96
C LEU A 86 6.38 17.55 -17.09
N VAL A 87 7.07 16.87 -16.18
CA VAL A 87 7.12 15.41 -16.19
C VAL A 87 5.71 14.83 -16.04
N TYR A 88 4.94 15.37 -15.10
CA TYR A 88 3.58 14.86 -14.89
C TYR A 88 2.68 15.16 -16.07
N THR A 89 2.87 16.32 -16.73
CA THR A 89 2.10 16.63 -17.93
C THR A 89 2.39 15.64 -19.05
N ILE A 90 3.67 15.29 -19.24
CA ILE A 90 4.03 14.31 -20.26
C ILE A 90 3.42 12.96 -19.95
N MET A 91 3.44 12.56 -18.68
CA MET A 91 2.80 11.29 -18.29
C MET A 91 1.31 11.30 -18.58
N PHE A 92 0.64 12.41 -18.29
CA PHE A 92 -0.79 12.53 -18.55
C PHE A 92 -1.09 12.44 -20.04
N LEU A 93 -0.30 13.13 -20.87
CA LEU A 93 -0.50 13.08 -22.31
C LEU A 93 -0.29 11.67 -22.85
N GLY A 94 0.72 10.98 -22.33
CA GLY A 94 0.94 9.60 -22.76
C GLY A 94 -0.22 8.68 -22.40
N ALA A 95 -0.76 8.82 -21.19
CA ALA A 95 -1.90 7.99 -20.80
C ALA A 95 -3.12 8.30 -21.66
N LEU A 96 -3.34 9.58 -21.97
CA LEU A 96 -4.46 9.94 -22.83
C LEU A 96 -4.30 9.36 -24.24
N GLY A 97 -3.09 9.42 -24.79
CA GLY A 97 -2.85 8.82 -26.09
C GLY A 97 -3.02 7.31 -26.08
N MET A 98 -2.59 6.66 -25.00
CA MET A 98 -2.83 5.22 -24.86
C MET A 98 -4.33 4.92 -24.84
N MET A 99 -5.11 5.71 -24.10
CA MET A 99 -6.54 5.48 -24.02
C MET A 99 -7.21 5.68 -25.37
N LEU A 100 -6.82 6.72 -26.11
CA LEU A 100 -7.49 7.03 -27.37
C LEU A 100 -7.00 6.16 -28.52
N GLY A 101 -5.86 5.49 -28.38
CA GLY A 101 -5.31 4.72 -29.47
C GLY A 101 -4.59 5.53 -30.52
N LEU A 102 -4.24 6.77 -30.22
CA LEU A 102 -3.60 7.67 -31.17
C LEU A 102 -2.11 7.74 -30.89
N CYS A 103 -1.29 7.45 -31.89
CA CYS A 103 0.17 7.37 -31.75
C CYS A 103 0.54 6.41 -30.63
N TYR A 104 0.21 5.14 -30.84
CA TYR A 104 0.21 4.16 -29.76
C TYR A 104 1.60 3.98 -29.15
N ARG A 105 2.62 3.79 -30.00
CA ARG A 105 3.94 3.47 -29.48
C ARG A 105 4.56 4.67 -28.76
N ILE A 106 4.46 5.86 -29.36
CA ILE A 106 5.01 7.06 -28.75
C ILE A 106 4.33 7.35 -27.42
N SER A 107 3.00 7.25 -27.39
CA SER A 107 2.27 7.49 -26.15
C SER A 107 2.65 6.45 -25.10
N CYS A 108 2.84 5.20 -25.51
CA CYS A 108 3.24 4.16 -24.57
C CYS A 108 4.57 4.50 -23.92
N VAL A 109 5.55 4.92 -24.71
CA VAL A 109 6.84 5.27 -24.14
C VAL A 109 6.74 6.52 -23.27
N LEU A 110 5.94 7.50 -23.70
CA LEU A 110 5.79 8.75 -22.96
C LEU A 110 5.10 8.53 -21.63
N PHE A 111 4.29 7.49 -21.50
CA PHE A 111 3.77 7.14 -20.18
C PHE A 111 4.74 6.27 -19.39
N LEU A 112 5.46 5.38 -20.06
CA LEU A 112 6.27 4.38 -19.38
C LEU A 112 7.49 5.00 -18.70
N LEU A 113 8.14 5.96 -19.35
CA LEU A 113 9.41 6.46 -18.78
C LEU A 113 9.19 7.31 -17.54
N PRO A 114 8.43 8.41 -17.57
CA PRO A 114 8.25 9.20 -16.34
C PRO A 114 7.57 8.46 -15.21
N TYR A 115 6.67 7.52 -15.51
CA TYR A 115 6.02 6.75 -14.46
C TYR A 115 7.04 5.97 -13.65
N TRP A 116 7.98 5.31 -14.34
CA TRP A 116 8.98 4.53 -13.65
C TRP A 116 10.01 5.41 -12.97
N TYR A 117 10.32 6.58 -13.54
CA TYR A 117 11.19 7.53 -12.84
C TYR A 117 10.58 7.95 -11.50
N VAL A 118 9.29 8.30 -11.52
CA VAL A 118 8.61 8.72 -10.30
C VAL A 118 8.49 7.57 -9.31
N PHE A 119 8.27 6.35 -9.81
CA PHE A 119 8.21 5.19 -8.93
C PHE A 119 9.54 4.95 -8.23
N LEU A 120 10.65 5.03 -8.96
CA LEU A 120 11.96 4.80 -8.38
C LEU A 120 12.44 5.97 -7.53
N LEU A 121 11.80 7.14 -7.64
CA LEU A 121 12.22 8.28 -6.85
C LEU A 121 11.95 8.13 -5.35
N ASP A 122 11.01 7.28 -4.96
CA ASP A 122 10.61 7.20 -3.55
C ASP A 122 10.23 5.77 -3.21
N LYS A 123 10.89 5.20 -2.20
CA LYS A 123 10.60 3.84 -1.75
C LYS A 123 9.45 3.76 -0.77
N THR A 124 9.04 4.88 -0.20
CA THR A 124 8.03 4.88 0.85
C THR A 124 6.61 4.93 0.34
N SER A 125 6.43 4.96 -0.98
CA SER A 125 5.10 4.97 -1.59
C SER A 125 4.85 3.72 -2.42
N TRP A 126 5.72 2.72 -2.34
CA TRP A 126 5.56 1.51 -3.12
C TRP A 126 4.44 0.66 -2.55
N ASN A 127 3.54 0.20 -3.42
CA ASN A 127 2.54 -0.79 -3.07
C ASN A 127 2.40 -1.75 -4.24
N ASN A 128 1.49 -2.72 -4.11
CA ASN A 128 1.39 -3.76 -5.12
C ASN A 128 0.69 -3.27 -6.38
N HIS A 129 -0.32 -2.40 -6.26
CA HIS A 129 -1.03 -2.00 -7.47
C HIS A 129 -0.25 -0.99 -8.30
N SER A 130 0.59 -0.15 -7.70
CA SER A 130 1.46 0.72 -8.49
C SER A 130 2.46 -0.12 -9.30
N TYR A 131 3.01 -1.15 -8.68
CA TYR A 131 3.90 -2.07 -9.37
C TYR A 131 3.18 -2.75 -10.53
N LEU A 132 1.93 -3.16 -10.30
CA LEU A 132 1.14 -3.78 -11.36
C LEU A 132 0.87 -2.80 -12.51
N TYR A 133 0.60 -1.53 -12.20
CA TYR A 133 0.38 -0.55 -13.26
C TYR A 133 1.62 -0.39 -14.11
N GLY A 134 2.80 -0.33 -13.47
CA GLY A 134 4.04 -0.29 -14.24
C GLY A 134 4.21 -1.50 -15.13
N LEU A 135 3.92 -2.69 -14.60
CA LEU A 135 4.06 -3.91 -15.39
C LEU A 135 3.12 -3.94 -16.58
N LEU A 136 1.86 -3.52 -16.36
CA LEU A 136 0.89 -3.52 -17.45
C LEU A 136 1.28 -2.55 -18.55
N ALA A 137 1.77 -1.36 -18.18
CA ALA A 137 2.24 -0.43 -19.21
C ALA A 137 3.42 -1.02 -19.99
N PHE A 138 4.36 -1.65 -19.28
CA PHE A 138 5.51 -2.25 -19.96
C PHE A 138 5.07 -3.32 -20.94
N GLN A 139 4.11 -4.16 -20.55
CA GLN A 139 3.61 -5.19 -21.45
C GLN A 139 2.91 -4.58 -22.66
N LEU A 140 2.00 -3.63 -22.43
CA LEU A 140 1.23 -3.03 -23.51
C LEU A 140 2.09 -2.23 -24.48
N THR A 141 3.31 -1.85 -24.08
CA THR A 141 4.19 -1.16 -25.02
C THR A 141 4.53 -2.03 -26.23
N PHE A 142 4.81 -3.30 -26.02
CA PHE A 142 5.22 -4.21 -27.09
C PHE A 142 4.05 -4.85 -27.83
N MET A 143 2.83 -4.68 -27.35
CA MET A 143 1.65 -5.27 -27.97
C MET A 143 1.07 -4.31 -28.99
N ASP A 144 0.38 -4.87 -29.99
CA ASP A 144 -0.33 -4.07 -30.98
C ASP A 144 -1.83 -4.05 -30.67
N ALA A 145 -2.20 -3.19 -29.73
CA ALA A 145 -3.57 -3.06 -29.25
C ALA A 145 -4.35 -1.96 -29.95
N ASN A 146 -3.80 -1.36 -31.02
CA ASN A 146 -4.46 -0.30 -31.76
C ASN A 146 -5.07 -0.80 -33.06
N HIS A 147 -5.37 -2.09 -33.16
CA HIS A 147 -5.93 -2.69 -34.37
C HIS A 147 -7.44 -2.71 -34.37
N TYR A 148 -8.09 -2.10 -33.38
CA TYR A 148 -9.53 -2.11 -33.29
C TYR A 148 -9.97 -0.96 -32.38
N TRP A 149 -11.06 -0.30 -32.77
CA TRP A 149 -11.69 0.69 -31.90
C TRP A 149 -10.67 1.74 -31.46
N SER A 150 -10.13 2.48 -32.42
CA SER A 150 -9.03 3.40 -32.16
C SER A 150 -9.02 4.49 -33.22
N VAL A 151 -8.32 5.59 -32.91
CA VAL A 151 -8.17 6.68 -33.86
C VAL A 151 -7.10 6.34 -34.90
N ASP A 152 -6.10 5.57 -34.51
CA ASP A 152 -5.02 5.21 -35.43
C ASP A 152 -5.54 4.45 -36.63
N GLY A 153 -6.44 3.49 -36.41
CA GLY A 153 -7.02 2.76 -37.53
C GLY A 153 -8.04 3.58 -38.30
N LEU A 154 -8.65 4.56 -37.63
CA LEU A 154 -9.57 5.46 -38.32
C LEU A 154 -8.84 6.36 -39.32
N LEU A 155 -7.64 6.80 -38.98
CA LEU A 155 -6.87 7.63 -39.90
C LEU A 155 -5.82 6.86 -40.70
N ASN A 156 -5.70 5.55 -40.49
CA ASN A 156 -4.79 4.72 -41.27
C ASN A 156 -5.44 3.37 -41.50
N ALA A 157 -5.68 3.01 -42.76
CA ALA A 157 -6.44 1.82 -43.11
C ALA A 157 -5.61 0.54 -43.05
N HIS A 158 -4.29 0.63 -42.93
CA HIS A 158 -3.47 -0.56 -42.88
C HIS A 158 -3.47 -1.24 -41.52
N ARG A 159 -3.95 -0.56 -40.48
CA ARG A 159 -3.99 -1.09 -39.12
C ARG A 159 -5.42 -1.14 -38.59
N ARG A 160 -6.40 -1.30 -39.47
CA ARG A 160 -7.80 -1.31 -39.10
C ARG A 160 -8.37 -2.70 -39.30
N ASN A 161 -8.87 -3.30 -38.22
CA ASN A 161 -9.42 -4.65 -38.22
C ASN A 161 -8.41 -5.66 -38.77
N ALA A 162 -7.24 -5.70 -38.12
CA ALA A 162 -6.19 -6.64 -38.47
C ALA A 162 -6.04 -7.68 -37.38
N HIS A 163 -5.36 -8.77 -37.70
CA HIS A 163 -5.14 -9.83 -36.74
C HIS A 163 -4.02 -9.47 -35.77
N VAL A 164 -3.93 -10.21 -34.68
CA VAL A 164 -2.86 -10.04 -33.70
C VAL A 164 -2.20 -11.40 -33.48
N PRO A 165 -0.93 -11.45 -33.11
CA PRO A 165 -0.32 -12.72 -32.70
C PRO A 165 -0.90 -13.21 -31.39
N LEU A 166 -0.78 -14.52 -31.17
CA LEU A 166 -1.42 -15.14 -30.02
C LEU A 166 -0.75 -14.77 -28.71
N TRP A 167 0.56 -14.53 -28.71
CA TRP A 167 1.27 -14.31 -27.46
C TRP A 167 0.85 -13.01 -26.78
N ASN A 168 0.17 -12.12 -27.48
CA ASN A 168 -0.38 -10.92 -26.85
C ASN A 168 -1.36 -11.28 -25.75
N TYR A 169 -2.26 -12.24 -26.00
CA TYR A 169 -3.18 -12.68 -24.98
C TYR A 169 -2.50 -13.58 -23.95
N ALA A 170 -1.53 -14.38 -24.39
CA ALA A 170 -0.84 -15.30 -23.48
C ALA A 170 -0.10 -14.54 -22.39
N VAL A 171 0.59 -13.45 -22.74
CA VAL A 171 1.36 -12.70 -21.75
C VAL A 171 0.44 -12.11 -20.69
N LEU A 172 -0.67 -11.50 -21.11
CA LEU A 172 -1.59 -10.87 -20.15
C LEU A 172 -2.27 -11.90 -19.26
N ARG A 173 -2.73 -13.01 -19.86
CA ARG A 173 -3.34 -14.06 -19.05
C ARG A 173 -2.35 -14.64 -18.06
N GLY A 174 -1.11 -14.87 -18.49
CA GLY A 174 -0.10 -15.37 -17.58
C GLY A 174 0.19 -14.41 -16.44
N GLN A 175 0.21 -13.10 -16.74
CA GLN A 175 0.43 -12.13 -15.67
C GLN A 175 -0.68 -12.18 -14.63
N ILE A 176 -1.94 -12.20 -15.08
CA ILE A 176 -3.05 -12.23 -14.13
C ILE A 176 -3.01 -13.51 -13.31
N PHE A 177 -2.78 -14.65 -13.95
CA PHE A 177 -2.73 -15.92 -13.24
C PHE A 177 -1.60 -15.94 -12.21
N ILE A 178 -0.44 -15.39 -12.58
CA ILE A 178 0.67 -15.34 -11.64
C ILE A 178 0.32 -14.50 -10.43
N VAL A 179 -0.30 -13.34 -10.64
CA VAL A 179 -0.69 -12.50 -9.51
C VAL A 179 -1.60 -13.28 -8.57
N TYR A 180 -2.65 -13.90 -9.12
CA TYR A 180 -3.61 -14.62 -8.28
C TYR A 180 -2.94 -15.77 -7.52
N PHE A 181 -2.32 -16.71 -8.17
CA PHE A 181 -1.72 -17.88 -7.52
C PHE A 181 -0.67 -17.55 -6.47
N ILE A 182 0.26 -16.64 -6.68
CA ILE A 182 1.32 -16.18 -5.73
C ILE A 182 0.78 -15.30 -4.60
N ALA A 183 -0.45 -14.88 -4.60
CA ALA A 183 -1.05 -14.08 -3.56
C ALA A 183 -1.63 -15.06 -2.61
N GLY A 184 -2.08 -16.21 -3.07
CA GLY A 184 -2.69 -17.26 -2.27
C GLY A 184 -1.71 -18.16 -1.62
N VAL A 185 -0.55 -18.39 -2.18
CA VAL A 185 0.53 -19.19 -1.55
C VAL A 185 1.24 -18.35 -0.49
N LYS A 186 1.17 -17.03 -0.52
CA LYS A 186 1.72 -16.11 0.46
C LYS A 186 0.78 -16.06 1.65
N LYS A 187 -0.49 -16.38 1.47
CA LYS A 187 -1.54 -16.34 2.51
C LYS A 187 -1.70 -17.73 3.10
N LEU A 188 -0.76 -18.61 2.90
CA LEU A 188 -0.74 -19.92 3.55
C LEU A 188 0.24 -19.75 4.67
N ASP A 189 0.18 -18.62 5.38
CA ASP A 189 1.03 -18.25 6.50
C ASP A 189 0.22 -18.65 7.70
N ALA A 190 0.84 -18.91 8.83
CA ALA A 190 0.17 -19.32 10.06
C ALA A 190 -0.63 -18.16 10.61
N ASP A 191 -0.23 -16.93 10.35
CA ASP A 191 -1.05 -15.83 10.84
C ASP A 191 -2.36 -15.72 10.08
N TRP A 192 -2.33 -15.97 8.77
CA TRP A 192 -3.55 -15.85 7.99
C TRP A 192 -4.49 -17.02 8.23
N VAL A 193 -3.93 -18.23 8.28
CA VAL A 193 -4.76 -19.43 8.42
C VAL A 193 -5.44 -19.46 9.78
N GLU A 194 -4.76 -19.00 10.83
CA GLU A 194 -5.33 -18.99 12.17
C GLU A 194 -6.22 -17.79 12.43
N GLY A 195 -6.30 -16.83 11.52
CA GLY A 195 -7.22 -15.71 11.68
C GLY A 195 -6.69 -14.54 12.49
N TYR A 196 -5.40 -14.23 12.36
CA TYR A 196 -4.79 -13.16 13.15
C TYR A 196 -4.53 -11.88 12.36
N SER A 197 -4.70 -11.91 11.03
CA SER A 197 -4.36 -10.74 10.23
C SER A 197 -5.48 -9.71 10.22
N MET A 198 -6.67 -10.10 9.77
CA MET A 198 -7.84 -9.22 9.70
C MET A 198 -8.88 -9.75 10.67
N GLU A 199 -8.74 -9.39 11.95
CA GLU A 199 -9.61 -9.93 12.98
C GLU A 199 -10.83 -9.08 13.26
N TYR A 200 -10.76 -7.78 13.00
CA TYR A 200 -11.87 -6.87 13.27
C TYR A 200 -12.67 -6.51 12.02
N LEU A 201 -12.38 -7.12 10.87
CA LEU A 201 -13.05 -6.73 9.64
C LEU A 201 -14.48 -7.23 9.57
N SER A 202 -14.80 -8.32 10.27
CA SER A 202 -16.14 -8.89 10.21
C SER A 202 -17.19 -8.05 10.91
N ARG A 203 -16.78 -7.01 11.63
CA ARG A 203 -17.72 -6.09 12.26
C ARG A 203 -18.37 -5.13 11.26
N HIS A 204 -17.94 -5.12 10.01
CA HIS A 204 -18.51 -4.25 9.00
C HIS A 204 -19.96 -4.64 8.70
N TRP A 205 -20.72 -3.67 8.18
CA TRP A 205 -22.12 -3.92 7.85
C TRP A 205 -22.30 -4.69 6.55
N LEU A 206 -21.25 -4.86 5.74
CA LEU A 206 -21.37 -5.63 4.51
C LEU A 206 -21.41 -7.13 4.77
N PHE A 207 -20.91 -7.59 5.92
CA PHE A 207 -20.87 -9.01 6.24
C PHE A 207 -22.11 -9.49 6.98
N SER A 208 -23.11 -8.64 7.14
CA SER A 208 -24.31 -8.99 7.91
C SER A 208 -25.16 -10.09 7.26
N PRO A 209 -25.16 -10.27 5.94
CA PRO A 209 -25.81 -11.47 5.39
C PRO A 209 -25.24 -12.78 5.95
N PHE A 210 -23.93 -12.84 6.18
CA PHE A 210 -23.31 -14.08 6.64
C PHE A 210 -23.57 -14.37 8.11
N LYS A 211 -23.87 -13.35 8.91
CA LYS A 211 -24.15 -13.57 10.33
C LYS A 211 -25.50 -14.20 10.57
N LEU A 212 -26.34 -14.32 9.54
CA LEU A 212 -27.62 -14.99 9.68
C LEU A 212 -27.48 -16.49 9.89
N LEU A 213 -26.28 -17.06 9.65
CA LEU A 213 -26.06 -18.48 9.83
C LEU A 213 -24.75 -18.83 10.50
N LEU A 214 -23.97 -17.84 10.95
CA LEU A 214 -22.69 -18.10 11.58
C LEU A 214 -22.46 -17.10 12.70
N SER A 215 -21.60 -17.49 13.64
CA SER A 215 -21.17 -16.59 14.69
C SER A 215 -20.11 -15.62 14.15
N GLU A 216 -19.84 -14.57 14.92
CA GLU A 216 -18.86 -13.58 14.48
C GLU A 216 -17.45 -14.18 14.39
N GLU A 217 -17.07 -15.01 15.34
CA GLU A 217 -15.77 -15.68 15.25
C GLU A 217 -15.72 -16.63 14.06
N LEU A 218 -16.79 -17.40 13.84
CA LEU A 218 -16.83 -18.29 12.68
C LEU A 218 -16.88 -17.49 11.38
N THR A 219 -17.57 -16.35 11.38
CA THR A 219 -17.58 -15.50 10.19
C THR A 219 -16.19 -14.95 9.89
N SER A 220 -15.46 -14.55 10.92
CA SER A 220 -14.10 -14.05 10.70
C SER A 220 -13.18 -15.16 10.22
N LEU A 221 -13.29 -16.35 10.79
CA LEU A 221 -12.36 -17.42 10.43
C LEU A 221 -12.67 -18.00 9.06
N LEU A 222 -13.95 -18.15 8.71
CA LEU A 222 -14.34 -18.84 7.49
C LEU A 222 -14.46 -17.89 6.30
N VAL A 223 -15.31 -16.87 6.42
CA VAL A 223 -15.60 -16.02 5.27
C VAL A 223 -14.40 -15.15 4.92
N VAL A 224 -13.76 -14.55 5.93
CA VAL A 224 -12.74 -13.53 5.67
C VAL A 224 -11.42 -14.17 5.28
N HIS A 225 -10.97 -15.17 6.03
CA HIS A 225 -9.63 -15.72 5.85
C HIS A 225 -9.61 -16.92 4.90
N TRP A 226 -10.36 -17.97 5.25
CA TRP A 226 -10.36 -19.17 4.41
C TRP A 226 -11.01 -18.91 3.06
N GLY A 227 -12.08 -18.13 3.03
CA GLY A 227 -12.71 -17.80 1.76
C GLY A 227 -11.79 -17.02 0.84
N GLY A 228 -11.12 -16.01 1.39
CA GLY A 228 -10.18 -15.24 0.59
C GLY A 228 -9.03 -16.08 0.07
N LEU A 229 -8.48 -16.95 0.92
CA LEU A 229 -7.39 -17.81 0.48
C LEU A 229 -7.84 -18.76 -0.64
N LEU A 230 -9.03 -19.35 -0.49
CA LEU A 230 -9.52 -20.28 -1.51
C LEU A 230 -9.81 -19.56 -2.83
N LEU A 231 -10.39 -18.37 -2.77
CA LEU A 231 -10.61 -17.60 -3.98
C LEU A 231 -9.29 -17.30 -4.69
N ASP A 232 -8.28 -16.89 -3.93
CA ASP A 232 -6.99 -16.58 -4.55
C ASP A 232 -6.37 -17.83 -5.17
N LEU A 233 -6.47 -18.97 -4.50
CA LEU A 233 -5.83 -20.18 -5.03
C LEU A 233 -6.59 -20.80 -6.20
N SER A 234 -7.88 -20.53 -6.36
CA SER A 234 -8.64 -21.20 -7.41
C SER A 234 -9.12 -20.28 -8.54
N ALA A 235 -8.94 -18.96 -8.43
CA ALA A 235 -9.53 -18.05 -9.41
C ALA A 235 -8.95 -18.26 -10.80
N GLY A 236 -7.64 -18.45 -10.91
CA GLY A 236 -7.04 -18.63 -12.22
C GLY A 236 -7.55 -19.85 -12.95
N PHE A 237 -7.65 -20.98 -12.22
CA PHE A 237 -8.16 -22.20 -12.83
C PHE A 237 -9.64 -22.08 -13.17
N LEU A 238 -10.42 -21.40 -12.33
CA LEU A 238 -11.83 -21.21 -12.65
C LEU A 238 -12.02 -20.34 -13.88
N LEU A 239 -11.18 -19.31 -14.04
CA LEU A 239 -11.32 -18.40 -15.17
C LEU A 239 -10.80 -19.00 -16.46
N PHE A 240 -9.75 -19.82 -16.39
CA PHE A 240 -9.14 -20.33 -17.61
C PHE A 240 -10.08 -21.25 -18.38
N PHE A 241 -10.79 -22.13 -17.68
CA PHE A 241 -11.60 -23.14 -18.34
C PHE A 241 -12.99 -22.61 -18.64
N ASP A 242 -13.54 -23.05 -19.77
CA ASP A 242 -14.83 -22.57 -20.25
C ASP A 242 -16.01 -23.21 -19.54
N VAL A 243 -15.81 -24.35 -18.86
CA VAL A 243 -16.91 -24.98 -18.14
C VAL A 243 -17.30 -24.15 -16.92
N SER A 244 -16.33 -23.59 -16.22
CA SER A 244 -16.56 -22.87 -14.98
C SER A 244 -16.31 -21.37 -15.12
N ARG A 245 -16.33 -20.84 -16.35
CA ARG A 245 -16.01 -19.43 -16.54
C ARG A 245 -17.06 -18.53 -15.89
N SER A 246 -18.33 -18.88 -16.02
CA SER A 246 -19.40 -18.01 -15.52
C SER A 246 -19.39 -17.91 -14.01
N ILE A 247 -19.27 -19.05 -13.32
CA ILE A 247 -19.23 -19.05 -11.87
C ILE A 247 -18.01 -18.30 -11.37
N GLY A 248 -16.86 -18.52 -12.01
CA GLY A 248 -15.66 -17.79 -11.63
C GLY A 248 -15.78 -16.30 -11.83
N LEU A 249 -16.41 -15.89 -12.94
CA LEU A 249 -16.62 -14.47 -13.20
C LEU A 249 -17.48 -13.85 -12.11
N PHE A 250 -18.57 -14.53 -11.73
CA PHE A 250 -19.42 -14.01 -10.68
C PHE A 250 -18.67 -13.90 -9.35
N PHE A 251 -17.91 -14.94 -9.01
CA PHE A 251 -17.19 -14.94 -7.74
C PHE A 251 -16.16 -13.82 -7.68
N VAL A 252 -15.36 -13.67 -8.74
CA VAL A 252 -14.32 -12.64 -8.72
C VAL A 252 -14.95 -11.25 -8.75
N SER A 253 -16.07 -11.08 -9.46
CA SER A 253 -16.74 -9.79 -9.45
C SER A 253 -17.23 -9.43 -8.06
N TYR A 254 -17.82 -10.38 -7.35
CA TYR A 254 -18.26 -10.11 -5.98
C TYR A 254 -17.08 -9.79 -5.07
N PHE A 255 -15.99 -10.56 -5.20
CA PHE A 255 -14.80 -10.35 -4.38
C PHE A 255 -14.24 -8.95 -4.57
N HIS A 256 -14.06 -8.53 -5.83
CA HIS A 256 -13.49 -7.22 -6.09
C HIS A 256 -14.46 -6.09 -5.75
N CYS A 257 -15.76 -6.30 -5.94
CA CYS A 257 -16.74 -5.28 -5.58
C CYS A 257 -16.76 -5.04 -4.07
N MET A 258 -16.63 -6.10 -3.27
CA MET A 258 -16.58 -5.92 -1.82
C MET A 258 -15.26 -5.28 -1.40
N ASN A 259 -14.15 -5.69 -2.01
CA ASN A 259 -12.86 -5.13 -1.63
C ASN A 259 -12.77 -3.64 -1.97
N SER A 260 -13.44 -3.21 -3.04
CA SER A 260 -13.39 -1.79 -3.41
C SER A 260 -14.10 -0.92 -2.37
N GLN A 261 -15.03 -1.49 -1.60
CA GLN A 261 -15.77 -0.75 -0.60
C GLN A 261 -15.19 -0.90 0.80
N LEU A 262 -14.50 -2.00 1.08
CA LEU A 262 -13.95 -2.20 2.42
C LEU A 262 -12.69 -1.35 2.65
N PHE A 263 -11.87 -1.16 1.63
CA PHE A 263 -10.56 -0.53 1.76
C PHE A 263 -10.43 0.67 0.83
N SER A 264 -9.27 1.32 0.90
CA SER A 264 -8.90 2.45 0.03
C SER A 264 -7.67 2.05 -0.76
N ILE A 265 -7.88 1.42 -1.91
CA ILE A 265 -6.79 0.90 -2.72
C ILE A 265 -6.83 1.52 -4.12
N GLY A 266 -7.29 2.76 -4.20
CA GLY A 266 -7.30 3.47 -5.46
C GLY A 266 -8.20 2.90 -6.53
N MET A 267 -7.58 2.40 -7.61
CA MET A 267 -8.30 1.82 -8.74
C MET A 267 -8.01 0.34 -8.92
N PHE A 268 -7.46 -0.32 -7.89
CA PHE A 268 -7.02 -1.71 -8.03
C PHE A 268 -8.19 -2.62 -8.39
N SER A 269 -9.31 -2.47 -7.69
CA SER A 269 -10.45 -3.35 -7.92
C SER A 269 -11.03 -3.18 -9.31
N TYR A 270 -11.10 -1.93 -9.80
CA TYR A 270 -11.64 -1.70 -11.13
C TYR A 270 -10.70 -2.21 -12.22
N VAL A 271 -9.38 -2.08 -12.00
CA VAL A 271 -8.42 -2.66 -12.93
C VAL A 271 -8.59 -4.16 -13.00
N MET A 272 -8.77 -4.82 -11.85
CA MET A 272 -8.90 -6.27 -11.86
C MET A 272 -10.23 -6.71 -12.46
N LEU A 273 -11.29 -5.98 -12.20
CA LEU A 273 -12.63 -6.33 -12.73
C LEU A 273 -12.61 -6.31 -14.25
N ALA A 274 -11.81 -5.48 -14.88
CA ALA A 274 -11.75 -5.29 -16.33
C ALA A 274 -10.64 -6.11 -16.99
N SER A 275 -10.03 -7.04 -16.29
CA SER A 275 -8.94 -7.88 -16.79
C SER A 275 -9.43 -9.31 -16.79
N SER A 276 -10.68 -9.48 -16.43
CA SER A 276 -11.28 -10.82 -16.30
C SER A 276 -12.05 -11.13 -17.56
N PRO A 277 -12.65 -10.20 -18.33
CA PRO A 277 -13.12 -10.52 -19.66
C PRO A 277 -12.00 -10.65 -20.68
N LEU A 278 -10.79 -11.10 -20.32
CA LEU A 278 -9.62 -11.27 -21.21
C LEU A 278 -9.30 -12.75 -21.13
N PHE A 279 -10.08 -13.50 -20.38
CA PHE A 279 -9.93 -14.95 -20.32
C PHE A 279 -11.08 -15.47 -21.16
N CYS A 280 -12.04 -14.62 -21.54
CA CYS A 280 -13.10 -15.01 -22.45
C CYS A 280 -12.55 -15.09 -23.87
N SER A 281 -13.43 -15.41 -24.82
CA SER A 281 -13.01 -15.48 -26.21
C SER A 281 -12.67 -14.09 -26.73
N PRO A 282 -11.68 -13.98 -27.63
CA PRO A 282 -11.29 -12.65 -28.13
C PRO A 282 -12.37 -11.94 -28.93
N GLU A 283 -13.47 -12.62 -29.25
CA GLU A 283 -14.53 -12.04 -30.07
C GLU A 283 -15.73 -11.59 -29.26
N TRP A 284 -15.62 -11.54 -27.93
CA TRP A 284 -16.78 -11.20 -27.11
C TRP A 284 -17.35 -9.81 -27.38
N PRO A 285 -16.56 -8.74 -27.62
CA PRO A 285 -17.21 -7.47 -27.94
C PRO A 285 -18.06 -7.51 -29.19
N ARG A 286 -17.64 -8.30 -30.19
CA ARG A 286 -18.39 -8.40 -31.43
C ARG A 286 -19.76 -9.04 -31.18
N LYS A 287 -19.78 -10.16 -30.45
CA LYS A 287 -21.05 -10.79 -30.12
C LYS A 287 -21.91 -9.88 -29.27
N LEU A 288 -21.31 -9.16 -28.32
CA LEU A 288 -22.07 -8.28 -27.46
C LEU A 288 -22.75 -7.17 -28.25
N VAL A 289 -22.01 -6.54 -29.18
CA VAL A 289 -22.62 -5.48 -29.97
C VAL A 289 -23.55 -6.04 -31.02
N SER A 290 -23.43 -7.33 -31.36
CA SER A 290 -24.41 -7.96 -32.23
C SER A 290 -25.73 -8.23 -31.52
N TYR A 291 -25.67 -8.61 -30.24
CA TYR A 291 -26.88 -8.94 -29.49
C TYR A 291 -27.72 -7.71 -29.16
N CYS A 292 -27.18 -6.51 -29.33
CA CYS A 292 -27.93 -5.30 -29.07
C CYS A 292 -29.02 -5.12 -30.11
N PRO A 293 -30.06 -4.33 -29.81
CA PRO A 293 -31.14 -4.13 -30.78
C PRO A 293 -30.63 -3.53 -32.08
N ARG A 294 -31.26 -3.94 -33.18
CA ARG A 294 -30.82 -3.54 -34.51
C ARG A 294 -30.95 -2.04 -34.74
N ARG A 295 -31.73 -1.34 -33.92
CA ARG A 295 -31.86 0.10 -34.07
C ARG A 295 -30.52 0.80 -33.83
N LEU A 296 -29.75 0.34 -32.85
CA LEU A 296 -28.45 0.92 -32.51
C LEU A 296 -27.30 0.14 -33.13
N GLN A 297 -27.50 -0.45 -34.30
CA GLN A 297 -26.47 -1.21 -35.00
C GLN A 297 -25.98 -0.51 -36.26
N GLN A 298 -26.50 0.67 -36.58
CA GLN A 298 -26.14 1.38 -37.80
C GLN A 298 -25.20 2.56 -37.57
N LEU A 299 -24.88 2.88 -36.32
CA LEU A 299 -23.96 3.96 -36.01
C LEU A 299 -22.56 3.49 -35.68
N LEU A 300 -22.41 2.26 -35.18
CA LEU A 300 -21.10 1.71 -34.94
C LEU A 300 -20.44 1.32 -36.26
N PRO A 301 -19.12 1.18 -36.27
CA PRO A 301 -18.43 0.71 -37.48
C PRO A 301 -18.98 -0.63 -37.94
N LEU A 302 -19.08 -0.79 -39.27
CA LEU A 302 -19.64 -2.00 -39.84
C LEU A 302 -18.81 -3.23 -39.47
N LYS A 303 -19.49 -4.33 -39.18
CA LYS A 303 -18.83 -5.57 -38.80
C LYS A 303 -18.37 -6.31 -40.04
N ALA A 304 -17.11 -6.75 -40.04
CA ALA A 304 -16.53 -7.48 -41.16
C ALA A 304 -15.44 -8.38 -40.62
N ALA A 305 -15.03 -9.35 -41.45
CA ALA A 305 -13.97 -10.24 -41.06
C ALA A 305 -12.65 -9.47 -40.95
N PRO A 306 -11.87 -9.70 -39.90
CA PRO A 306 -10.59 -9.00 -39.77
C PRO A 306 -9.66 -9.28 -40.94
N GLN A 307 -8.93 -8.25 -41.35
CA GLN A 307 -7.97 -8.37 -42.44
C GLN A 307 -6.69 -9.02 -41.95
N PRO A 308 -5.91 -9.62 -42.84
CA PRO A 308 -4.64 -10.21 -42.44
C PRO A 308 -3.65 -9.16 -41.97
N SER A 309 -2.70 -9.60 -41.13
CA SER A 309 -1.69 -8.73 -40.57
C SER A 309 -0.32 -9.36 -40.73
N VAL A 310 0.70 -8.51 -40.83
CA VAL A 310 2.07 -8.98 -41.04
C VAL A 310 2.61 -9.68 -39.79
N SER A 311 2.28 -9.14 -38.60
CA SER A 311 2.92 -9.58 -37.37
C SER A 311 2.66 -11.04 -37.03
N CYS A 312 1.61 -11.64 -37.57
CA CYS A 312 1.22 -13.01 -37.25
C CYS A 312 1.48 -13.93 -38.44
N VAL A 313 2.06 -15.09 -38.16
CA VAL A 313 2.41 -16.06 -39.20
C VAL A 313 1.18 -16.87 -39.58
N TYR A 314 1.06 -17.17 -40.87
CA TYR A 314 -0.12 -17.84 -41.42
C TYR A 314 0.26 -19.23 -41.90
N LYS A 315 -0.39 -20.25 -41.33
CA LYS A 315 -0.16 -21.65 -41.69
C LYS A 315 -1.49 -22.25 -42.10
N ARG A 316 -1.58 -22.69 -43.36
CA ARG A 316 -2.79 -23.30 -43.89
C ARG A 316 -2.41 -24.57 -44.64
N SER A 317 -3.36 -25.51 -44.69
CA SER A 317 -3.14 -26.73 -45.47
C SER A 317 -3.24 -26.45 -46.96
N ARG A 318 -4.21 -25.63 -47.36
CA ARG A 318 -4.40 -25.24 -48.76
C ARG A 318 -3.71 -23.93 -49.10
N GLY A 319 -3.78 -22.93 -48.22
CA GLY A 319 -3.14 -21.66 -48.45
C GLY A 319 -1.66 -21.69 -48.13
N LYS A 320 -0.86 -22.26 -49.04
CA LYS A 320 0.59 -22.43 -49.02
C LYS A 320 1.08 -23.17 -47.77
N SER A 321 2.31 -23.68 -47.82
CA SER A 321 2.84 -24.43 -46.70
C SER A 321 3.08 -23.53 -45.49
N GLY A 322 3.56 -22.32 -45.73
CA GLY A 322 3.85 -21.40 -44.66
C GLY A 322 5.19 -20.72 -44.89
N GLN A 323 5.35 -19.58 -44.22
CA GLN A 323 6.55 -18.77 -44.33
C GLN A 323 7.48 -19.05 -43.16
N LYS A 324 8.78 -18.90 -43.40
CA LYS A 324 9.75 -19.06 -42.33
C LYS A 324 9.54 -17.96 -41.29
N PRO A 325 9.40 -18.30 -40.01
CA PRO A 325 9.27 -17.26 -38.98
C PRO A 325 10.48 -16.35 -38.96
N GLY A 326 10.24 -15.06 -39.17
CA GLY A 326 11.31 -14.08 -39.19
C GLY A 326 11.83 -13.77 -37.80
N LEU A 327 12.51 -12.63 -37.67
CA LEU A 327 13.03 -12.23 -36.37
C LEU A 327 11.92 -11.83 -35.40
N ARG A 328 10.86 -11.19 -35.93
CA ARG A 328 9.79 -10.71 -35.07
C ARG A 328 9.09 -11.83 -34.30
N HIS A 329 8.79 -12.95 -34.97
CA HIS A 329 8.07 -14.04 -34.33
C HIS A 329 8.90 -14.71 -33.25
N GLN A 330 10.18 -14.97 -33.54
CA GLN A 330 11.05 -15.57 -32.54
C GLN A 330 11.26 -14.62 -31.36
N LEU A 331 11.41 -13.33 -31.64
CA LEU A 331 11.57 -12.36 -30.56
C LEU A 331 10.33 -12.32 -29.68
N GLY A 332 9.13 -12.37 -30.29
CA GLY A 332 7.92 -12.39 -29.50
C GLY A 332 7.79 -13.62 -28.62
N ALA A 333 8.08 -14.80 -29.18
CA ALA A 333 8.02 -16.02 -28.37
C ALA A 333 9.02 -15.99 -27.23
N ALA A 334 10.26 -15.55 -27.51
CA ALA A 334 11.28 -15.47 -26.48
C ALA A 334 10.89 -14.48 -25.39
N PHE A 335 10.33 -13.33 -25.77
CA PHE A 335 9.88 -12.36 -24.78
C PHE A 335 8.81 -12.96 -23.89
N THR A 336 7.85 -13.66 -24.49
CA THR A 336 6.80 -14.29 -23.69
C THR A 336 7.40 -15.23 -22.65
N LEU A 337 8.26 -16.16 -23.09
CA LEU A 337 8.79 -17.16 -22.17
C LEU A 337 9.63 -16.51 -21.07
N LEU A 338 10.54 -15.62 -21.45
CA LEU A 338 11.45 -15.03 -20.47
C LEU A 338 10.71 -14.15 -19.48
N TYR A 339 9.75 -13.34 -19.95
CA TYR A 339 9.01 -12.49 -19.05
C TYR A 339 8.20 -13.30 -18.06
N LEU A 340 7.54 -14.38 -18.52
CA LEU A 340 6.76 -15.18 -17.60
C LEU A 340 7.66 -15.87 -16.57
N LEU A 341 8.83 -16.35 -16.99
CA LEU A 341 9.74 -16.97 -16.04
C LEU A 341 10.26 -15.98 -15.00
N GLU A 342 10.63 -14.77 -15.43
CA GLU A 342 11.11 -13.77 -14.49
C GLU A 342 10.01 -13.35 -13.53
N GLN A 343 8.78 -13.22 -14.01
CA GLN A 343 7.68 -12.84 -13.13
C GLN A 343 7.35 -13.96 -12.14
N LEU A 344 7.56 -15.21 -12.53
CA LEU A 344 7.44 -16.30 -11.57
C LEU A 344 8.54 -16.24 -10.51
N PHE A 345 9.77 -15.96 -10.93
CA PHE A 345 10.92 -16.07 -10.02
C PHE A 345 11.00 -14.90 -9.05
N LEU A 346 10.66 -13.69 -9.47
CA LEU A 346 10.97 -12.51 -8.67
C LEU A 346 10.38 -12.50 -7.26
N PRO A 347 9.12 -12.90 -7.01
CA PRO A 347 8.62 -12.87 -5.63
C PRO A 347 9.38 -13.77 -4.67
N TYR A 348 10.19 -14.71 -5.16
CA TYR A 348 10.92 -15.64 -4.30
C TYR A 348 12.43 -15.48 -4.45
N SER A 349 12.88 -14.23 -4.58
CA SER A 349 14.29 -13.92 -4.75
C SER A 349 14.91 -13.30 -3.51
N HIS A 350 14.25 -13.44 -2.36
CA HIS A 350 14.69 -12.75 -1.15
C HIS A 350 15.93 -13.37 -0.52
N PHE A 351 16.38 -14.52 -1.00
CA PHE A 351 17.59 -15.12 -0.47
C PHE A 351 18.86 -14.57 -1.11
N LEU A 352 18.75 -13.77 -2.16
CA LEU A 352 19.91 -13.12 -2.76
C LEU A 352 20.16 -11.74 -2.18
N THR A 353 19.10 -10.94 -2.03
CA THR A 353 19.22 -9.59 -1.46
C THR A 353 18.87 -9.67 0.02
N GLN A 354 19.85 -10.09 0.81
CA GLN A 354 19.64 -10.28 2.24
C GLN A 354 19.67 -8.98 3.03
N GLY A 355 20.20 -7.90 2.45
CA GLY A 355 20.26 -6.64 3.17
C GLY A 355 18.94 -5.92 3.27
N TYR A 356 17.92 -6.37 2.54
CA TYR A 356 16.59 -5.81 2.64
C TYR A 356 15.65 -6.68 3.45
N ASN A 357 16.19 -7.68 4.17
CA ASN A 357 15.39 -8.61 4.95
C ASN A 357 15.38 -8.17 6.42
N ASN A 358 14.27 -7.59 6.84
CA ASN A 358 13.96 -7.33 8.24
C ASN A 358 13.11 -8.50 8.77
N TRP A 359 12.35 -8.28 9.84
CA TRP A 359 11.35 -9.23 10.30
C TRP A 359 10.55 -9.86 9.15
N THR A 360 10.23 -9.06 8.13
CA THR A 360 9.55 -9.53 6.94
C THR A 360 10.49 -9.43 5.73
N ASN A 361 10.43 -10.42 4.86
CA ASN A 361 11.39 -10.53 3.76
C ASN A 361 11.18 -9.46 2.70
N GLY A 362 12.27 -8.79 2.33
CA GLY A 362 12.27 -7.88 1.21
C GLY A 362 11.64 -6.54 1.49
N LEU A 363 11.71 -5.67 0.49
CA LEU A 363 10.94 -4.44 0.48
C LEU A 363 9.49 -4.73 0.16
N TYR A 364 8.62 -3.77 0.45
CA TYR A 364 7.20 -3.94 0.20
C TYR A 364 6.81 -3.43 -1.18
N GLY A 365 6.14 -4.27 -1.96
CA GLY A 365 5.59 -3.79 -3.21
C GLY A 365 5.63 -4.72 -4.41
N TYR A 366 6.37 -5.82 -4.35
CA TYR A 366 6.51 -6.67 -5.53
C TYR A 366 6.40 -8.16 -5.21
N SER A 367 5.81 -8.53 -4.09
CA SER A 367 5.69 -9.93 -3.70
C SER A 367 4.25 -10.40 -3.54
N TRP A 368 3.27 -9.53 -3.79
CA TRP A 368 1.85 -9.91 -3.78
C TRP A 368 1.40 -10.45 -2.43
N ASP A 369 1.88 -9.86 -1.34
CA ASP A 369 1.46 -10.23 0.01
C ASP A 369 0.70 -9.07 0.62
N MET A 370 -0.58 -8.99 0.33
CA MET A 370 -1.41 -7.88 0.78
C MET A 370 -2.17 -8.26 2.04
N MET A 371 -2.18 -7.34 3.00
CA MET A 371 -2.96 -7.45 4.23
C MET A 371 -2.57 -8.65 5.08
N VAL A 372 -1.36 -9.19 4.91
CA VAL A 372 -0.97 -10.35 5.70
C VAL A 372 -0.36 -9.92 7.02
N HIS A 373 0.41 -8.84 7.04
CA HIS A 373 1.07 -8.36 8.24
C HIS A 373 0.57 -6.97 8.60
N SER A 374 0.23 -6.77 9.87
CA SER A 374 -0.17 -5.48 10.40
C SER A 374 0.76 -5.10 11.55
N ARG A 375 1.12 -3.83 11.63
CA ARG A 375 2.11 -3.35 12.58
C ARG A 375 1.53 -2.25 13.46
N SER A 376 1.86 -2.30 14.75
CA SER A 376 1.49 -1.29 15.71
C SER A 376 2.75 -0.76 16.38
N HIS A 377 2.84 0.56 16.53
CA HIS A 377 4.01 1.20 17.08
C HIS A 377 3.66 1.85 18.41
N GLN A 378 4.48 1.59 19.43
CA GLN A 378 4.24 2.07 20.78
C GLN A 378 5.03 3.33 21.11
N HIS A 379 6.32 3.36 20.77
CA HIS A 379 7.18 4.46 21.16
C HIS A 379 8.36 4.52 20.20
N VAL A 380 8.77 5.74 19.85
CA VAL A 380 9.97 6.00 19.06
C VAL A 380 10.77 7.08 19.77
N LYS A 381 12.07 6.84 19.93
CA LYS A 381 12.94 7.79 20.61
C LYS A 381 14.24 7.91 19.83
N ILE A 382 14.61 9.14 19.48
CA ILE A 382 15.86 9.42 18.79
C ILE A 382 16.69 10.33 19.68
N THR A 383 17.93 9.93 19.94
CA THR A 383 18.84 10.69 20.78
C THR A 383 20.17 10.81 20.06
N TYR A 384 20.74 12.02 20.06
CA TYR A 384 22.03 12.28 19.47
C TYR A 384 23.00 12.78 20.53
N ARG A 385 24.27 12.41 20.38
CA ARG A 385 25.32 12.85 21.28
C ARG A 385 26.30 13.72 20.50
N ASP A 386 26.53 14.93 20.99
CA ASP A 386 27.44 15.84 20.31
C ASP A 386 28.87 15.33 20.40
N GLY A 387 29.58 15.35 19.27
CA GLY A 387 30.95 14.88 19.24
C GLY A 387 31.99 15.86 19.74
N ARG A 388 31.60 17.11 19.97
CA ARG A 388 32.51 18.15 20.44
C ARG A 388 32.34 18.46 21.91
N THR A 389 31.10 18.54 22.39
CA THR A 389 30.81 18.87 23.79
C THR A 389 30.37 17.66 24.61
N GLY A 390 29.87 16.61 23.98
CA GLY A 390 29.41 15.44 24.69
C GLY A 390 28.02 15.52 25.26
N GLU A 391 27.30 16.62 25.02
CA GLU A 391 25.94 16.75 25.53
C GLU A 391 24.99 15.83 24.79
N LEU A 392 23.92 15.43 25.48
CA LEU A 392 22.91 14.53 24.94
C LEU A 392 21.63 15.31 24.69
N GLY A 393 21.06 15.15 23.49
CA GLY A 393 19.81 15.80 23.15
C GLY A 393 18.83 14.80 22.57
N TYR A 394 17.60 15.26 22.41
CA TYR A 394 16.53 14.42 21.88
C TYR A 394 15.82 15.14 20.75
N LEU A 395 15.52 14.40 19.69
CA LEU A 395 14.80 14.91 18.54
C LEU A 395 13.39 14.38 18.51
N ASN A 396 12.52 15.07 17.78
CA ASN A 396 11.20 14.53 17.51
C ASN A 396 11.32 13.33 16.57
N PRO A 397 10.48 12.32 16.74
CA PRO A 397 10.47 11.22 15.76
C PRO A 397 9.95 11.68 14.42
N GLY A 398 10.82 11.70 13.42
CA GLY A 398 10.44 12.11 12.07
C GLY A 398 10.38 13.61 11.87
N VAL A 399 11.50 14.29 12.07
CA VAL A 399 11.51 15.75 11.96
C VAL A 399 11.44 16.18 10.50
N PHE A 400 12.37 15.69 9.68
CA PHE A 400 12.49 16.14 8.29
C PHE A 400 11.95 15.12 7.30
N THR A 401 11.08 14.22 7.76
CA THR A 401 10.50 13.20 6.91
C THR A 401 9.09 13.57 6.51
N GLN A 402 8.57 12.86 5.51
CA GLN A 402 7.19 13.02 5.07
C GLN A 402 6.39 11.73 5.14
N SER A 403 6.99 10.64 5.63
CA SER A 403 6.28 9.38 5.81
C SER A 403 6.77 8.74 7.10
N ARG A 404 6.22 7.56 7.41
CA ARG A 404 6.56 6.83 8.63
C ARG A 404 7.13 5.45 8.35
N ARG A 405 7.42 5.12 7.09
CA ARG A 405 7.89 3.79 6.74
C ARG A 405 9.35 3.54 7.10
N TRP A 406 10.10 4.58 7.47
CA TRP A 406 11.49 4.39 7.87
C TRP A 406 11.64 3.62 9.17
N LYS A 407 10.56 3.44 9.93
CA LYS A 407 10.61 2.75 11.21
C LYS A 407 10.69 1.24 11.09
N ASP A 408 10.44 0.68 9.90
CA ASP A 408 10.32 -0.76 9.73
C ASP A 408 11.46 -1.37 8.93
N HIS A 409 12.38 -0.57 8.42
CA HIS A 409 13.44 -1.04 7.53
C HIS A 409 14.77 -0.45 7.97
N ALA A 410 15.84 -1.17 7.65
CA ALA A 410 17.19 -0.78 8.05
C ALA A 410 17.88 0.09 7.00
N ASP A 411 17.59 -0.15 5.72
CA ASP A 411 18.12 0.72 4.67
C ASP A 411 17.55 2.13 4.79
N MET A 412 16.25 2.24 5.03
CA MET A 412 15.65 3.55 5.24
C MET A 412 16.20 4.23 6.49
N LEU A 413 16.45 3.44 7.54
CA LEU A 413 17.03 4.00 8.75
C LEU A 413 18.45 4.51 8.51
N LYS A 414 19.24 3.77 7.74
CA LYS A 414 20.57 4.24 7.39
C LYS A 414 20.52 5.53 6.58
N GLN A 415 19.60 5.60 5.61
CA GLN A 415 19.43 6.83 4.83
C GLN A 415 19.03 7.99 5.73
N TYR A 416 18.10 7.76 6.66
CA TYR A 416 17.65 8.81 7.57
C TYR A 416 18.77 9.30 8.47
N ALA A 417 19.57 8.37 9.01
CA ALA A 417 20.68 8.75 9.86
C ALA A 417 21.70 9.58 9.09
N THR A 418 21.99 9.19 7.85
CA THR A 418 22.92 9.98 7.03
C THR A 418 22.38 11.38 6.74
N CYS A 419 21.10 11.48 6.40
CA CYS A 419 20.52 12.78 6.09
C CYS A 419 20.53 13.68 7.33
N LEU A 420 20.20 13.12 8.49
CA LEU A 420 20.26 13.88 9.73
C LEU A 420 21.69 14.32 10.04
N SER A 421 22.66 13.44 9.78
CA SER A 421 24.05 13.79 10.04
C SER A 421 24.48 14.98 9.20
N ARG A 422 24.05 15.03 7.94
CA ARG A 422 24.38 16.17 7.10
C ARG A 422 23.55 17.41 7.38
N LEU A 423 22.37 17.27 7.99
CA LEU A 423 21.52 18.44 8.21
C LEU A 423 21.72 19.08 9.58
N LEU A 424 22.12 18.31 10.59
CA LEU A 424 22.22 18.85 11.94
C LEU A 424 23.24 19.97 12.10
N PRO A 425 24.44 19.91 11.50
CA PRO A 425 25.37 21.05 11.61
C PRO A 425 24.78 22.41 11.26
N LYS A 426 23.74 22.46 10.42
CA LYS A 426 23.06 23.73 10.18
C LYS A 426 22.38 24.27 11.42
N TYR A 427 22.13 23.43 12.42
CA TYR A 427 21.47 23.82 13.66
C TYR A 427 22.43 23.87 14.84
N ASN A 428 23.68 24.28 14.58
CA ASN A 428 24.68 24.51 15.61
C ASN A 428 24.95 23.24 16.43
N VAL A 429 25.04 22.10 15.74
CA VAL A 429 25.39 20.82 16.35
C VAL A 429 26.55 20.25 15.57
N THR A 430 27.64 19.93 16.27
CA THR A 430 28.80 19.33 15.62
C THR A 430 28.45 17.90 15.20
N GLU A 431 29.43 17.17 14.68
CA GLU A 431 29.18 15.84 14.15
C GLU A 431 28.53 14.96 15.22
N PRO A 432 27.32 14.48 14.98
CA PRO A 432 26.60 13.74 16.01
C PRO A 432 26.72 12.23 15.90
N GLN A 433 26.34 11.53 16.96
CA GLN A 433 26.14 10.09 16.94
C GLN A 433 24.69 9.84 17.29
N ILE A 434 23.97 9.14 16.42
CA ILE A 434 22.52 9.02 16.50
C ILE A 434 22.15 7.60 16.86
N TYR A 435 21.30 7.44 17.88
CA TYR A 435 20.81 6.15 18.35
C TYR A 435 19.30 6.13 18.28
N PHE A 436 18.74 5.02 17.82
CA PHE A 436 17.30 4.87 17.63
C PHE A 436 16.75 3.81 18.57
N ASP A 437 15.56 4.07 19.13
CA ASP A 437 14.90 3.17 20.06
C ASP A 437 13.43 3.09 19.67
N ILE A 438 13.05 2.02 18.99
CA ILE A 438 11.71 1.88 18.41
C ILE A 438 11.09 0.57 18.87
N TRP A 439 9.84 0.63 19.33
CA TRP A 439 9.10 -0.53 19.81
C TRP A 439 7.94 -0.81 18.87
N VAL A 440 7.87 -2.05 18.37
CA VAL A 440 6.87 -2.45 17.38
C VAL A 440 6.24 -3.78 17.79
N SER A 441 4.95 -3.93 17.53
CA SER A 441 4.25 -5.20 17.65
C SER A 441 3.66 -5.55 16.29
N ILE A 442 3.84 -6.80 15.86
CA ILE A 442 3.30 -7.28 14.58
C ILE A 442 2.25 -8.35 14.85
N ASN A 443 1.04 -8.11 14.34
CA ASN A 443 -0.09 -9.04 14.45
C ASN A 443 -0.41 -9.40 15.89
N ASP A 444 -0.52 -8.37 16.74
CA ASP A 444 -0.97 -8.48 18.13
C ASP A 444 -0.04 -9.36 18.96
N ARG A 445 1.26 -9.26 18.70
CA ARG A 445 2.26 -9.98 19.47
C ARG A 445 2.71 -9.09 20.64
N PHE A 446 3.79 -9.49 21.31
CA PHE A 446 4.40 -8.63 22.31
C PHE A 446 5.12 -7.47 21.63
N GLN A 447 5.12 -6.31 22.28
CA GLN A 447 5.95 -5.21 21.81
C GLN A 447 7.40 -5.49 22.14
N GLN A 448 8.29 -5.13 21.22
CA GLN A 448 9.72 -5.34 21.42
C GLN A 448 10.49 -4.37 20.53
N ARG A 449 11.81 -4.35 20.74
CA ARG A 449 12.68 -3.50 19.95
C ARG A 449 13.04 -4.16 18.63
N ILE A 450 13.02 -3.36 17.56
CA ILE A 450 13.37 -3.86 16.24
C ILE A 450 14.85 -3.67 15.91
N PHE A 451 15.47 -2.62 16.42
CA PHE A 451 16.89 -2.35 16.21
C PHE A 451 17.60 -2.24 17.55
N ASP A 452 18.91 -2.43 17.52
CA ASP A 452 19.74 -2.30 18.72
C ASP A 452 19.83 -0.84 19.13
N PRO A 453 19.50 -0.49 20.38
CA PRO A 453 19.60 0.92 20.80
C PRO A 453 21.00 1.37 21.16
N ARG A 454 21.97 0.46 21.23
CA ARG A 454 23.32 0.76 21.65
C ARG A 454 24.28 0.97 20.49
N VAL A 455 23.77 1.04 19.26
CA VAL A 455 24.58 1.06 18.05
C VAL A 455 24.41 2.42 17.39
N ASP A 456 25.53 3.04 17.02
CA ASP A 456 25.52 4.31 16.31
C ASP A 456 25.22 4.04 14.84
N ILE A 457 24.03 4.44 14.39
CA ILE A 457 23.56 4.03 13.07
C ILE A 457 24.38 4.70 11.96
N VAL A 458 24.82 5.94 12.18
CA VAL A 458 25.49 6.68 11.12
C VAL A 458 26.79 6.00 10.68
N GLN A 459 27.50 5.37 11.61
CA GLN A 459 28.72 4.65 11.29
C GLN A 459 28.53 3.14 11.21
N ALA A 460 27.30 2.67 11.19
CA ALA A 460 27.04 1.23 11.12
C ALA A 460 27.28 0.71 9.70
N ALA A 461 27.23 -0.62 9.57
CA ALA A 461 27.52 -1.29 8.31
C ALA A 461 26.23 -1.85 7.73
N TRP A 462 25.94 -1.47 6.49
CA TRP A 462 24.78 -2.00 5.77
C TRP A 462 25.17 -2.25 4.32
N SER A 463 24.79 -3.40 3.80
CA SER A 463 25.09 -3.78 2.43
C SER A 463 23.88 -4.47 1.81
N PRO A 464 23.66 -4.30 0.50
CA PRO A 464 22.47 -4.89 -0.14
C PRO A 464 22.44 -6.41 -0.16
N PHE A 465 23.59 -7.10 -0.02
CA PHE A 465 23.62 -8.55 -0.16
C PHE A 465 24.11 -9.25 1.09
N GLN A 466 24.10 -8.57 2.24
CA GLN A 466 24.58 -9.13 3.49
C GLN A 466 23.57 -8.88 4.59
N ARG A 467 23.35 -9.89 5.44
CA ARG A 467 22.33 -9.79 6.48
C ARG A 467 22.75 -8.79 7.56
N THR A 468 21.84 -7.88 7.89
CA THR A 468 22.15 -6.80 8.82
C THR A 468 22.26 -7.31 10.24
N SER A 469 23.22 -6.77 10.98
CA SER A 469 23.55 -7.26 12.31
C SER A 469 22.87 -6.51 13.44
N TRP A 470 22.53 -5.24 13.26
CA TRP A 470 21.86 -4.47 14.29
C TRP A 470 20.34 -4.58 14.25
N VAL A 471 19.80 -5.58 13.57
CA VAL A 471 18.38 -5.85 13.53
C VAL A 471 18.08 -6.96 14.53
N GLN A 472 17.17 -6.70 15.47
CA GLN A 472 16.85 -7.69 16.50
C GLN A 472 15.93 -8.77 15.93
N PRO A 473 16.11 -10.02 16.34
CA PRO A 473 15.23 -11.09 15.87
C PRO A 473 13.84 -11.00 16.48
N LEU A 474 12.86 -11.49 15.73
CA LEU A 474 11.48 -11.54 16.22
C LEU A 474 11.33 -12.75 17.16
N LEU A 475 10.74 -12.51 18.32
CA LEU A 475 10.60 -13.55 19.34
C LEU A 475 9.45 -14.46 18.93
N MET A 476 9.78 -15.47 18.14
CA MET A 476 8.76 -16.35 17.56
C MET A 476 8.17 -17.30 18.58
N ASP A 477 8.94 -17.71 19.58
CA ASP A 477 8.45 -18.63 20.59
C ASP A 477 7.76 -17.90 21.74
N LEU A 478 6.91 -16.95 21.38
CA LEU A 478 6.02 -16.29 22.32
C LEU A 478 4.63 -16.09 21.74
N SER A 479 4.40 -16.47 20.48
CA SER A 479 3.10 -16.31 19.87
C SER A 479 1.98 -17.04 20.58
N PRO A 480 2.15 -18.30 21.08
CA PRO A 480 1.03 -18.96 21.77
C PRO A 480 0.53 -18.24 23.01
N TRP A 481 1.18 -17.14 23.39
CA TRP A 481 0.71 -16.31 24.49
C TRP A 481 -0.45 -15.41 24.09
N ARG A 482 -0.80 -15.36 22.80
CA ARG A 482 -1.78 -14.40 22.33
C ARG A 482 -3.18 -14.69 22.86
N ALA A 483 -3.50 -15.97 23.08
CA ALA A 483 -4.80 -16.31 23.68
C ALA A 483 -4.93 -15.72 25.08
N LYS A 484 -3.88 -15.91 25.90
CA LYS A 484 -3.89 -15.34 27.24
C LYS A 484 -3.92 -13.81 27.20
N LEU A 485 -3.17 -13.23 26.28
CA LEU A 485 -3.15 -11.76 26.17
C LEU A 485 -4.53 -11.23 25.83
N GLN A 486 -5.21 -11.87 24.88
CA GLN A 486 -6.56 -11.43 24.50
C GLN A 486 -7.53 -11.61 25.66
N GLU A 487 -7.42 -12.71 26.40
CA GLU A 487 -8.30 -12.91 27.55
C GLU A 487 -8.07 -11.84 28.61
N ILE A 488 -6.81 -11.52 28.89
CA ILE A 488 -6.51 -10.50 29.89
C ILE A 488 -7.02 -9.13 29.45
N LYS A 489 -6.82 -8.79 28.18
CA LYS A 489 -7.33 -7.52 27.68
C LYS A 489 -8.85 -7.45 27.77
N SER A 490 -9.53 -8.55 27.42
CA SER A 490 -10.98 -8.55 27.45
C SER A 490 -11.52 -8.42 28.87
N SER A 491 -10.90 -9.12 29.82
CA SER A 491 -11.37 -9.09 31.21
C SER A 491 -10.75 -7.88 31.93
N LEU A 492 -11.23 -6.70 31.54
CA LEU A 492 -10.73 -5.45 32.11
C LEU A 492 -11.86 -4.48 32.39
N ASP A 493 -11.50 -3.25 32.77
CA ASP A 493 -12.46 -2.20 33.06
C ASP A 493 -12.53 -1.23 31.88
N ASN A 494 -13.60 -0.42 31.86
CA ASN A 494 -13.79 0.56 30.82
C ASN A 494 -12.88 1.78 30.97
N HIS A 495 -12.12 1.88 32.06
CA HIS A 495 -11.24 3.01 32.29
C HIS A 495 -9.76 2.64 32.36
N THR A 496 -9.42 1.36 32.40
CA THR A 496 -8.03 0.92 32.50
C THR A 496 -7.48 0.53 31.14
N GLU A 497 -6.16 0.56 31.03
CA GLU A 497 -5.45 0.18 29.82
C GLU A 497 -4.29 -0.73 30.18
N VAL A 498 -3.84 -1.52 29.20
CA VAL A 498 -2.77 -2.49 29.41
C VAL A 498 -1.79 -2.41 28.25
N VAL A 499 -0.52 -2.68 28.54
CA VAL A 499 0.56 -2.71 27.54
C VAL A 499 1.42 -3.92 27.82
N PHE A 500 1.67 -4.73 26.79
CA PHE A 500 2.45 -5.95 26.92
C PHE A 500 3.83 -5.78 26.27
N ILE A 501 4.88 -6.08 27.03
CA ILE A 501 6.25 -5.76 26.64
C ILE A 501 7.12 -7.00 26.85
N ALA A 502 7.93 -7.33 25.85
CA ALA A 502 8.92 -8.40 25.93
C ALA A 502 10.31 -7.81 25.70
N ASP A 503 11.25 -8.14 26.58
CA ASP A 503 12.58 -7.53 26.53
C ASP A 503 13.65 -8.61 26.50
N PHE A 504 14.79 -8.28 25.90
CA PHE A 504 15.98 -9.10 25.72
C PHE A 504 16.92 -8.92 26.91
N PRO A 505 17.65 -9.98 27.28
CA PRO A 505 18.60 -9.85 28.39
C PRO A 505 19.74 -8.90 28.06
N GLY A 506 20.21 -8.20 29.10
CA GLY A 506 21.29 -7.25 28.96
C GLY A 506 20.86 -5.84 28.60
N LEU A 507 19.57 -5.58 28.45
CA LEU A 507 19.05 -4.27 28.10
C LEU A 507 18.04 -3.81 29.16
N HIS A 508 17.84 -2.50 29.24
CA HIS A 508 16.91 -1.93 30.18
C HIS A 508 16.02 -0.90 29.48
N LEU A 509 14.82 -0.72 30.03
CA LEU A 509 13.85 0.26 29.54
C LEU A 509 13.64 1.32 30.60
N GLU A 510 13.84 2.58 30.24
CA GLU A 510 13.63 3.70 31.14
C GLU A 510 12.35 4.42 30.76
N ASN A 511 11.46 4.60 31.74
CA ASN A 511 10.14 5.16 31.51
C ASN A 511 9.90 6.29 32.48
N PHE A 512 9.10 7.26 32.04
CA PHE A 512 8.71 8.41 32.86
C PHE A 512 7.19 8.43 32.92
N VAL A 513 6.64 8.18 34.11
CA VAL A 513 5.19 8.12 34.28
C VAL A 513 4.64 9.54 34.38
N SER A 514 3.64 9.84 33.57
CA SER A 514 3.07 11.17 33.53
C SER A 514 2.34 11.49 34.83
N GLU A 515 2.12 12.79 35.06
CA GLU A 515 1.47 13.23 36.29
C GLU A 515 0.05 12.72 36.38
N ASP A 516 -0.70 12.77 35.28
CA ASP A 516 -2.09 12.36 35.28
C ASP A 516 -2.27 10.85 35.32
N LEU A 517 -1.19 10.08 35.17
CA LEU A 517 -1.27 8.63 35.09
C LEU A 517 -1.14 8.01 36.49
N GLY A 518 -2.11 8.34 37.34
CA GLY A 518 -2.14 7.76 38.66
C GLY A 518 -2.56 6.30 38.63
N ASN A 519 -2.26 5.60 39.72
CA ASN A 519 -2.60 4.18 39.86
C ASN A 519 -2.00 3.35 38.73
N THR A 520 -0.68 3.35 38.67
CA THR A 520 0.08 2.60 37.67
C THR A 520 0.82 1.45 38.36
N SER A 521 0.72 0.25 37.79
CA SER A 521 1.35 -0.93 38.34
C SER A 521 2.01 -1.72 37.23
N ILE A 522 3.00 -2.52 37.61
CA ILE A 522 3.70 -3.41 36.69
C ILE A 522 3.63 -4.83 37.24
N GLN A 523 3.30 -5.78 36.37
CA GLN A 523 3.19 -7.19 36.75
C GLN A 523 3.99 -8.04 35.80
N LEU A 524 4.71 -9.02 36.34
CA LEU A 524 5.60 -9.87 35.57
C LEU A 524 4.92 -11.18 35.20
N LEU A 525 5.07 -11.58 33.94
CA LEU A 525 4.47 -12.81 33.44
C LEU A 525 5.48 -13.93 33.19
N GLN A 526 6.73 -13.60 32.88
CA GLN A 526 7.74 -14.61 32.64
C GLN A 526 9.12 -14.01 32.88
N GLY A 527 10.09 -14.89 33.14
CA GLY A 527 11.44 -14.41 33.40
C GLY A 527 11.56 -13.75 34.76
N GLU A 528 12.53 -12.86 34.89
CA GLU A 528 12.76 -12.13 36.13
C GLU A 528 13.36 -10.78 35.80
N VAL A 529 12.79 -9.71 36.38
CA VAL A 529 13.27 -8.35 36.16
C VAL A 529 13.43 -7.67 37.51
N THR A 530 14.25 -6.61 37.52
CA THR A 530 14.47 -5.79 38.69
C THR A 530 14.12 -4.34 38.36
N VAL A 531 13.31 -3.72 39.20
CA VAL A 531 12.80 -2.37 38.97
C VAL A 531 13.53 -1.41 39.90
N GLU A 532 14.07 -0.34 39.33
CA GLU A 532 14.83 0.65 40.09
C GLU A 532 14.10 1.99 40.04
N LEU A 533 13.78 2.53 41.21
CA LEU A 533 13.22 3.87 41.29
C LEU A 533 14.37 4.88 41.33
N VAL A 534 14.35 5.83 40.39
CA VAL A 534 15.51 6.70 40.21
C VAL A 534 15.71 7.62 41.41
N ALA A 535 14.63 8.24 41.89
CA ALA A 535 14.76 9.22 42.97
C ALA A 535 15.19 8.55 44.27
N GLU A 536 14.51 7.47 44.66
CA GLU A 536 14.82 6.80 45.91
C GLU A 536 16.00 5.85 45.80
N GLN A 537 16.41 5.47 44.59
CA GLN A 537 17.56 4.61 44.34
C GLN A 537 17.41 3.27 45.08
N LYS A 538 16.40 2.51 44.67
CA LYS A 538 16.04 1.26 45.34
C LYS A 538 15.73 0.20 44.29
N ASN A 539 16.65 -0.74 44.09
CA ASN A 539 16.38 -1.89 43.24
C ASN A 539 15.40 -2.84 43.92
N GLN A 540 14.59 -3.52 43.13
CA GLN A 540 13.64 -4.49 43.65
C GLN A 540 13.38 -5.56 42.61
N THR A 541 13.59 -6.82 42.98
CA THR A 541 13.47 -7.94 42.06
C THR A 541 12.06 -8.54 42.12
N LEU A 542 11.53 -8.86 40.95
CA LEU A 542 10.18 -9.41 40.81
C LEU A 542 10.25 -10.85 40.32
N ARG A 543 9.30 -11.65 40.77
CA ARG A 543 9.17 -13.05 40.37
C ARG A 543 7.85 -13.23 39.62
N GLU A 544 7.71 -14.39 38.98
CA GLU A 544 6.56 -14.65 38.11
C GLU A 544 5.28 -14.67 38.93
N GLY A 545 4.44 -13.65 38.76
CA GLY A 545 3.15 -13.61 39.41
C GLY A 545 2.88 -12.34 40.17
N GLU A 546 3.89 -11.78 40.83
CA GLU A 546 3.67 -10.63 41.69
C GLU A 546 3.55 -9.35 40.86
N LYS A 547 3.05 -8.30 41.52
CA LYS A 547 2.89 -7.00 40.91
C LYS A 547 3.38 -5.94 41.88
N MET A 548 3.80 -4.80 41.32
CA MET A 548 4.35 -3.70 42.09
C MET A 548 3.74 -2.40 41.61
N GLN A 549 3.47 -1.49 42.53
CA GLN A 549 2.84 -0.21 42.22
C GLN A 549 3.92 0.86 42.08
N LEU A 550 3.81 1.68 41.03
CA LEU A 550 4.81 2.68 40.72
C LEU A 550 4.31 4.09 41.06
N PRO A 551 5.20 4.99 41.42
CA PRO A 551 4.81 6.39 41.66
C PRO A 551 4.61 7.14 40.34
N ALA A 552 3.89 8.25 40.44
CA ALA A 552 3.55 9.08 39.29
C ALA A 552 4.45 10.32 39.26
N GLY A 553 4.68 10.83 38.06
CA GLY A 553 5.54 11.99 37.89
C GLY A 553 6.98 11.73 38.25
N GLU A 554 7.50 10.56 37.93
CA GLU A 554 8.85 10.19 38.30
C GLU A 554 9.41 9.21 37.28
N TYR A 555 10.73 9.06 37.28
CA TYR A 555 11.40 8.10 36.43
C TYR A 555 11.49 6.75 37.13
N HIS A 556 11.65 5.70 36.32
CA HIS A 556 11.96 4.36 36.83
C HIS A 556 12.56 3.55 35.69
N LYS A 557 13.23 2.47 36.05
CA LYS A 557 13.89 1.62 35.09
C LYS A 557 13.53 0.16 35.35
N VAL A 558 13.51 -0.62 34.27
CA VAL A 558 13.27 -2.06 34.35
C VAL A 558 14.46 -2.76 33.71
N TYR A 559 15.18 -3.54 34.50
CA TYR A 559 16.36 -4.26 34.02
C TYR A 559 15.99 -5.72 33.83
N THR A 560 16.37 -6.28 32.68
CA THR A 560 16.16 -7.69 32.41
C THR A 560 17.42 -8.46 32.77
N THR A 561 17.28 -9.41 33.71
CA THR A 561 18.42 -10.14 34.23
C THR A 561 18.39 -11.64 33.94
N SER A 562 17.26 -12.18 33.48
CA SER A 562 17.19 -13.60 33.17
C SER A 562 18.02 -13.91 31.92
N PRO A 563 18.55 -15.13 31.81
CA PRO A 563 19.28 -15.50 30.59
C PRO A 563 18.40 -15.55 29.34
N SER A 564 17.10 -15.65 29.49
CA SER A 564 16.15 -15.68 28.38
C SER A 564 15.27 -14.45 28.40
N PRO A 565 14.65 -14.09 27.27
CA PRO A 565 13.76 -12.93 27.25
C PRO A 565 12.61 -13.07 28.24
N SER A 566 12.23 -11.95 28.83
CA SER A 566 11.21 -11.89 29.87
C SER A 566 10.12 -10.91 29.48
N CYS A 567 8.86 -11.28 29.75
CA CYS A 567 7.71 -10.48 29.37
C CYS A 567 6.94 -10.04 30.61
N TYR A 568 6.50 -8.80 30.61
CA TYR A 568 5.71 -8.23 31.70
C TYR A 568 4.62 -7.35 31.10
N MET A 569 3.84 -6.70 31.96
CA MET A 569 2.74 -5.87 31.48
C MET A 569 2.58 -4.63 32.35
N TYR A 570 2.02 -3.58 31.75
CA TYR A 570 1.75 -2.32 32.41
C TYR A 570 0.25 -2.11 32.49
N VAL A 571 -0.23 -1.77 33.68
CA VAL A 571 -1.64 -1.45 33.89
C VAL A 571 -1.72 -0.05 34.49
N TYR A 572 -2.50 0.82 33.87
CA TYR A 572 -2.56 2.22 34.30
C TYR A 572 -3.97 2.76 34.10
N VAL A 573 -4.29 3.82 34.86
CA VAL A 573 -5.57 4.50 34.78
C VAL A 573 -5.32 6.00 34.68
N ASN A 574 -6.11 6.67 33.86
CA ASN A 574 -6.07 8.14 33.77
C ASN A 574 -6.99 8.69 34.85
N THR A 575 -6.43 8.99 36.01
CA THR A 575 -7.24 9.51 37.12
C THR A 575 -7.83 10.87 36.77
N THR A 576 -7.06 11.72 36.11
CA THR A 576 -7.58 13.03 35.70
C THR A 576 -8.74 12.87 34.72
N GLU A 577 -8.61 11.95 33.75
CA GLU A 577 -9.67 11.74 32.77
C GLU A 577 -10.94 11.21 33.43
N LEU A 578 -10.81 10.25 34.35
CA LEU A 578 -11.98 9.71 35.02
C LEU A 578 -12.63 10.75 35.91
N ALA A 579 -11.83 11.57 36.60
CA ALA A 579 -12.40 12.64 37.42
C ALA A 579 -13.15 13.64 36.55
N LEU A 580 -12.58 14.02 35.40
CA LEU A 580 -13.24 14.93 34.49
C LEU A 580 -14.56 14.35 33.99
N GLU A 581 -14.55 13.07 33.59
CA GLU A 581 -15.76 12.43 33.09
C GLU A 581 -16.83 12.37 34.18
N GLN A 582 -16.44 12.01 35.40
CA GLN A 582 -17.44 11.88 36.46
C GLN A 582 -18.01 13.23 36.86
N ASP A 583 -17.19 14.28 36.93
CA ASP A 583 -17.73 15.58 37.28
C ASP A 583 -18.60 16.13 36.15
N LEU A 584 -18.21 15.89 34.90
CA LEU A 584 -19.03 16.31 33.77
C LEU A 584 -20.39 15.62 33.80
N ALA A 585 -20.41 14.32 34.04
CA ALA A 585 -21.67 13.59 34.10
C ALA A 585 -22.52 14.08 35.26
N TYR A 586 -21.91 14.29 36.43
CA TYR A 586 -22.66 14.74 37.60
C TYR A 586 -23.26 16.12 37.35
N LEU A 587 -22.49 17.04 36.79
CA LEU A 587 -22.99 18.39 36.54
C LEU A 587 -24.07 18.38 35.48
N GLN A 588 -23.91 17.57 34.43
CA GLN A 588 -24.95 17.47 33.41
C GLN A 588 -26.24 16.93 33.99
N GLU A 589 -26.16 15.87 34.80
CA GLU A 589 -27.36 15.32 35.41
C GLU A 589 -28.03 16.32 36.34
N LEU A 590 -27.23 17.03 37.15
CA LEU A 590 -27.81 18.02 38.06
C LEU A 590 -28.49 19.15 37.28
N LYS A 591 -27.85 19.62 36.22
CA LYS A 591 -28.45 20.69 35.41
C LYS A 591 -29.73 20.22 34.75
N GLU A 592 -29.74 18.99 34.21
CA GLU A 592 -30.96 18.46 33.59
C GLU A 592 -32.08 18.33 34.62
N LYS A 593 -31.76 17.85 35.81
CA LYS A 593 -32.78 17.71 36.85
C LYS A 593 -33.31 19.08 37.27
N VAL A 594 -32.44 20.08 37.36
CA VAL A 594 -32.87 21.42 37.74
C VAL A 594 -33.79 22.01 36.67
N GLU A 595 -33.41 21.88 35.39
CA GLU A 595 -34.24 22.42 34.33
C GLU A 595 -35.58 21.70 34.25
N ASN A 596 -35.58 20.37 34.37
CA ASN A 596 -36.80 19.58 34.33
C ASN A 596 -37.30 19.30 35.74
N GLY A 597 -37.57 20.38 36.47
CA GLY A 597 -38.07 20.28 37.82
C GLY A 597 -37.37 21.21 38.80
N PRO A 623 -15.86 25.25 30.62
CA PRO A 623 -15.42 24.62 29.38
C PRO A 623 -15.71 23.13 29.36
N LEU A 624 -15.98 22.55 30.53
CA LEU A 624 -16.34 21.13 30.62
C LEU A 624 -17.66 20.87 29.92
N VAL A 625 -18.68 21.67 30.25
CA VAL A 625 -19.97 21.56 29.58
C VAL A 625 -19.84 21.88 28.11
N GLN A 626 -18.95 22.81 27.75
CA GLN A 626 -18.74 23.12 26.35
C GLN A 626 -18.14 21.95 25.59
N THR A 627 -17.20 21.23 26.21
CA THR A 627 -16.67 20.01 25.59
C THR A 627 -17.76 18.96 25.44
N PHE A 628 -18.59 18.79 26.48
CA PHE A 628 -19.71 17.86 26.37
C PHE A 628 -20.63 18.24 25.21
N LEU A 629 -20.91 19.54 25.06
CA LEU A 629 -21.80 20.01 24.01
C LEU A 629 -21.17 19.86 22.62
N ARG A 630 -19.87 20.05 22.49
CA ARG A 630 -19.26 19.88 21.17
C ARG A 630 -19.19 18.41 20.78
N ARG A 631 -18.97 17.52 21.76
CA ARG A 631 -19.07 16.10 21.46
C ARG A 631 -20.49 15.72 21.08
N GLN A 632 -21.49 16.30 21.77
CA GLN A 632 -22.87 16.08 21.40
C GLN A 632 -23.15 16.59 19.99
N GLN A 633 -22.56 17.73 19.63
CA GLN A 633 -22.72 18.26 18.27
C GLN A 633 -22.10 17.33 17.24
N ARG A 634 -20.95 16.75 17.56
CA ARG A 634 -20.34 15.76 16.67
C ARG A 634 -21.29 14.57 16.48
N LEU A 635 -21.88 14.09 17.57
CA LEU A 635 -22.83 12.99 17.47
C LEU A 635 -24.04 13.38 16.62
N GLN A 636 -24.54 14.60 16.82
CA GLN A 636 -25.69 15.07 16.06
C GLN A 636 -25.37 15.15 14.56
N GLU A 637 -24.18 15.67 14.24
CA GLU A 637 -23.77 15.73 12.84
C GLU A 637 -23.65 14.34 12.23
N ILE A 638 -23.06 13.40 12.96
CA ILE A 638 -22.89 12.05 12.44
C ILE A 638 -24.26 11.40 12.20
N GLU A 639 -25.16 11.51 13.18
CA GLU A 639 -26.46 10.87 13.04
C GLU A 639 -27.32 11.56 11.98
N ARG A 640 -27.18 12.87 11.80
CA ARG A 640 -27.95 13.56 10.76
C ARG A 640 -27.41 13.25 9.38
N ARG A 641 -26.10 13.12 9.22
CA ARG A 641 -25.55 12.66 7.95
C ARG A 641 -25.98 11.23 7.66
N ARG A 642 -26.11 10.42 8.71
CA ARG A 642 -26.69 9.09 8.54
C ARG A 642 -28.13 9.17 8.06
N ASN A 643 -28.91 10.08 8.64
CA ASN A 643 -30.30 10.25 8.21
C ASN A 643 -30.40 10.88 6.83
N THR A 644 -29.42 11.71 6.45
CA THR A 644 -29.44 12.35 5.15
C THR A 644 -29.33 11.29 4.04
N PRO A 645 -30.10 11.43 2.97
CA PRO A 645 -30.00 10.46 1.87
C PRO A 645 -28.64 10.51 1.20
N PHE A 646 -28.34 9.44 0.48
CA PHE A 646 -27.03 9.29 -0.14
C PHE A 646 -26.77 10.32 -1.24
N HIS A 647 -27.80 11.02 -1.73
CA HIS A 647 -27.58 11.98 -2.80
C HIS A 647 -26.73 13.15 -2.35
N GLU A 648 -26.89 13.60 -1.11
CA GLU A 648 -26.04 14.67 -0.59
C GLU A 648 -24.60 14.22 -0.46
N ARG A 649 -24.38 12.98 0.00
CA ARG A 649 -23.02 12.46 0.07
C ARG A 649 -22.40 12.36 -1.32
N PHE A 650 -23.18 11.91 -2.30
CA PHE A 650 -22.67 11.84 -3.66
C PHE A 650 -22.32 13.21 -4.20
N PHE A 651 -23.16 14.22 -3.91
CA PHE A 651 -22.87 15.58 -4.35
C PHE A 651 -21.60 16.12 -3.71
N ARG A 652 -21.41 15.88 -2.42
CA ARG A 652 -20.19 16.33 -1.76
C ARG A 652 -18.96 15.62 -2.33
N PHE A 653 -19.07 14.32 -2.58
CA PHE A 653 -17.98 13.56 -3.17
C PHE A 653 -17.61 14.12 -4.55
N LEU A 654 -18.61 14.41 -5.37
CA LEU A 654 -18.36 14.97 -6.69
C LEU A 654 -17.72 16.34 -6.60
N LEU A 655 -18.18 17.17 -5.65
CA LEU A 655 -17.59 18.50 -5.49
C LEU A 655 -16.12 18.41 -5.09
N ARG A 656 -15.78 17.51 -4.17
CA ARG A 656 -14.39 17.34 -3.77
C ARG A 656 -13.54 16.87 -4.94
N LYS A 657 -14.03 15.91 -5.72
CA LYS A 657 -13.26 15.43 -6.86
C LYS A 657 -13.05 16.54 -7.89
N LEU A 658 -14.09 17.33 -8.15
CA LEU A 658 -13.96 18.43 -9.10
C LEU A 658 -12.96 19.45 -8.62
N TYR A 659 -12.97 19.77 -7.32
CA TYR A 659 -11.99 20.71 -6.79
C TYR A 659 -10.57 20.20 -6.97
N VAL A 660 -10.34 18.91 -6.69
CA VAL A 660 -9.00 18.35 -6.84
C VAL A 660 -8.54 18.45 -8.29
N PHE A 661 -9.41 18.07 -9.23
CA PHE A 661 -9.04 18.11 -10.64
C PHE A 661 -8.75 19.53 -11.11
N ARG A 662 -9.60 20.49 -10.72
CA ARG A 662 -9.42 21.87 -11.13
C ARG A 662 -8.12 22.44 -10.57
N ARG A 663 -7.82 22.16 -9.30
CA ARG A 663 -6.58 22.66 -8.72
C ARG A 663 -5.37 22.09 -9.44
N SER A 664 -5.38 20.79 -9.74
CA SER A 664 -4.25 20.19 -10.45
C SER A 664 -4.04 20.87 -11.80
N PHE A 665 -5.14 21.09 -12.54
CA PHE A 665 -5.03 21.72 -13.85
C PHE A 665 -4.48 23.15 -13.75
N LEU A 666 -4.97 23.93 -12.79
CA LEU A 666 -4.54 25.32 -12.69
C LEU A 666 -3.08 25.43 -12.29
N MET A 667 -2.62 24.62 -11.33
CA MET A 667 -1.21 24.67 -10.97
C MET A 667 -0.32 24.21 -12.13
N THR A 668 -0.76 23.19 -12.88
CA THR A 668 0.02 22.78 -14.04
C THR A 668 0.13 23.90 -15.06
N CYS A 669 -0.98 24.62 -15.30
CA CYS A 669 -0.94 25.74 -16.23
C CYS A 669 0.02 26.81 -15.77
N ILE A 670 -0.01 27.15 -14.48
CA ILE A 670 0.89 28.17 -13.95
C ILE A 670 2.34 27.76 -14.14
N SER A 671 2.67 26.51 -13.83
CA SER A 671 4.05 26.06 -13.97
C SER A 671 4.49 26.04 -15.43
N LEU A 672 3.61 25.62 -16.34
CA LEU A 672 3.97 25.64 -17.76
C LEU A 672 4.18 27.05 -18.26
N ARG A 673 3.36 28.00 -17.81
CA ARG A 673 3.58 29.40 -18.18
C ARG A 673 4.92 29.90 -17.66
N ASN A 674 5.27 29.55 -16.42
CA ASN A 674 6.56 29.93 -15.88
C ASN A 674 7.70 29.36 -16.72
N LEU A 675 7.60 28.09 -17.10
CA LEU A 675 8.65 27.46 -17.88
C LEU A 675 8.77 28.08 -19.27
N ILE A 676 7.64 28.39 -19.91
CA ILE A 676 7.68 28.83 -21.31
C ILE A 676 8.07 30.30 -21.40
N LEU A 677 7.39 31.17 -20.64
CA LEU A 677 7.65 32.61 -20.69
C LEU A 677 8.68 33.04 -19.65
N GLY A 678 8.39 32.85 -18.39
CA GLY A 678 9.27 33.24 -17.31
C GLY A 678 8.46 33.74 -16.13
N ARG A 679 9.12 33.80 -14.97
CA ARG A 679 8.46 34.21 -13.75
C ARG A 679 8.08 35.69 -13.81
N PRO A 680 6.80 36.04 -13.90
CA PRO A 680 6.44 37.45 -14.09
C PRO A 680 6.76 38.34 -12.90
N SER A 681 6.24 37.98 -11.72
CA SER A 681 6.37 38.80 -10.52
C SER A 681 5.77 38.03 -9.36
N LEU A 682 6.17 38.41 -8.14
CA LEU A 682 5.66 37.74 -6.96
C LEU A 682 4.20 38.05 -6.70
N GLU A 683 3.75 39.26 -7.03
CA GLU A 683 2.36 39.64 -6.78
C GLU A 683 1.41 38.86 -7.67
N GLN A 684 1.71 38.79 -8.96
CA GLN A 684 0.87 38.02 -9.89
C GLN A 684 0.89 36.54 -9.55
N LEU A 685 2.05 36.02 -9.17
CA LEU A 685 2.14 34.61 -8.78
C LEU A 685 1.30 34.32 -7.55
N ALA A 686 1.35 35.21 -6.55
CA ALA A 686 0.53 35.03 -5.36
C ALA A 686 -0.95 35.10 -5.71
N GLN A 687 -1.33 36.03 -6.60
CA GLN A 687 -2.73 36.13 -7.01
C GLN A 687 -3.21 34.87 -7.71
N GLU A 688 -2.38 34.32 -8.59
CA GLU A 688 -2.75 33.09 -9.28
C GLU A 688 -2.87 31.92 -8.31
N VAL A 689 -1.93 31.81 -7.37
CA VAL A 689 -1.98 30.72 -6.40
C VAL A 689 -3.24 30.85 -5.55
N THR A 690 -3.59 32.08 -5.16
CA THR A 690 -4.84 32.28 -4.43
C THR A 690 -6.05 31.88 -5.27
N TYR A 691 -6.03 32.21 -6.56
CA TYR A 691 -7.14 31.83 -7.43
C TYR A 691 -7.30 30.32 -7.54
N ALA A 692 -6.18 29.59 -7.53
CA ALA A 692 -6.24 28.15 -7.71
C ALA A 692 -6.80 27.40 -6.51
N ASN A 693 -7.01 28.08 -5.38
CA ASN A 693 -7.54 27.41 -4.19
C ASN A 693 -8.88 28.00 -3.75
N LEU A 694 -9.80 28.21 -4.70
CA LEU A 694 -11.04 28.91 -4.37
C LEU A 694 -12.14 27.99 -3.87
N ARG A 695 -11.98 26.66 -3.92
CA ARG A 695 -13.02 25.72 -3.53
C ARG A 695 -14.31 26.05 -4.30
N PRO A 696 -14.38 25.68 -5.60
CA PRO A 696 -15.41 26.22 -6.50
C PRO A 696 -16.81 26.33 -5.92
N PHE A 697 -17.39 25.22 -5.49
CA PHE A 697 -18.73 25.20 -4.92
C PHE A 697 -18.66 24.47 -3.58
N GLU A 698 -18.79 25.22 -2.49
CA GLU A 698 -18.70 24.65 -1.15
C GLU A 698 -20.03 24.79 -0.41
N ALA B 1 11.88 24.06 17.06
CA ALA B 1 10.72 23.18 17.21
C ALA B 1 11.06 21.76 16.76
N ASN B 2 12.31 21.36 17.00
CA ASN B 2 12.77 20.02 16.63
C ASN B 2 13.54 19.35 17.77
N PHE B 3 13.16 19.66 19.01
CA PHE B 3 13.82 19.08 20.18
C PHE B 3 12.79 18.80 21.27
N LEU B 4 12.83 17.57 21.78
CA LEU B 4 11.97 17.17 22.91
C LEU B 4 12.81 17.53 24.17
N SER B 5 12.41 17.12 25.38
CA SER B 5 13.09 17.54 26.62
C SER B 5 13.69 16.32 27.32
N LYS B 6 12.88 15.52 28.01
CA LYS B 6 13.29 14.25 28.62
C LYS B 6 12.10 13.85 29.49
N GLN B 7 11.03 14.61 29.41
CA GLN B 7 9.80 14.27 30.13
C GLN B 7 8.74 14.11 29.06
N GLN B 8 9.13 14.19 27.78
CA GLN B 8 8.18 13.98 26.67
C GLN B 8 8.84 13.02 25.71
N ALA B 9 10.11 12.71 25.96
CA ALA B 9 10.87 11.80 25.12
C ALA B 9 10.89 10.43 25.78
N SER B 10 10.57 10.35 27.07
CA SER B 10 10.65 9.08 27.81
C SER B 10 9.26 8.54 28.17
N GLN B 11 8.18 9.21 27.79
CA GLN B 11 6.83 8.76 28.14
C GLN B 11 6.43 7.62 27.21
N VAL B 12 6.69 6.40 27.65
CA VAL B 12 6.33 5.22 26.86
C VAL B 12 4.81 5.07 26.80
N LEU B 13 4.11 5.36 27.90
CA LEU B 13 2.67 5.21 27.97
C LEU B 13 2.00 6.53 27.60
N VAL B 14 1.24 6.51 26.51
CA VAL B 14 0.56 7.71 26.03
C VAL B 14 -0.84 7.37 25.56
N ASN B 20 -2.72 -2.37 12.78
CA ASN B 20 -3.39 -1.09 12.58
C ASN B 20 -2.87 -0.37 11.35
N SER B 21 -1.69 -0.77 10.87
CA SER B 21 -1.03 -0.12 9.75
C SER B 21 -0.79 -1.15 8.65
N LEU B 22 -1.40 -0.93 7.49
CA LEU B 22 -1.17 -1.75 6.32
C LEU B 22 -0.65 -0.87 5.19
N LEU B 23 0.36 -1.38 4.47
CA LEU B 23 1.06 -0.59 3.49
C LEU B 23 0.37 -0.54 2.14
N GLU B 24 -0.69 -1.32 1.93
CA GLU B 24 -1.43 -1.25 0.68
C GLU B 24 -2.30 -0.01 0.59
N GLU B 25 -2.76 0.51 1.72
CA GLU B 25 -3.66 1.65 1.71
C GLU B 25 -2.93 2.92 1.27
N THR B 26 -3.69 3.79 0.59
CA THR B 26 -3.15 5.05 0.10
C THR B 26 -3.68 6.19 0.95
C1 NAG C . 20.02 -2.46 39.93
C2 NAG C . 21.32 -1.87 40.46
C3 NAG C . 22.35 -1.72 39.34
C4 NAG C . 22.59 -3.09 38.70
C5 NAG C . 21.27 -3.60 38.13
C6 NAG C . 21.39 -5.00 37.56
C7 NAG C . 21.64 -0.28 42.29
C8 NAG C . 21.31 1.08 42.83
N2 NAG C . 21.10 -0.59 41.11
O3 NAG C . 23.57 -1.21 39.87
O4 NAG C . 23.65 -3.06 37.75
O5 NAG C . 20.31 -3.69 39.19
O6 NAG C . 20.18 -5.41 36.93
O7 NAG C . 22.37 -1.06 42.91
C1 NAG C . 23.42 -2.39 36.49
C2 NAG C . 24.70 -1.66 36.08
C3 NAG C . 24.55 -1.05 34.70
C4 NAG C . 24.11 -2.10 33.70
C5 NAG C . 22.84 -2.79 34.18
C6 NAG C . 22.40 -3.92 33.30
C7 NAG C . 24.35 0.40 37.40
C8 NAG C . 24.95 1.32 38.43
N2 NAG C . 25.10 -0.66 37.06
O3 NAG C . 25.78 -0.47 34.29
O4 NAG C . 23.85 -1.50 32.42
O5 NAG C . 23.07 -3.35 35.48
O6 NAG C . 23.03 -5.14 33.65
O7 NAG C . 23.24 0.62 36.91
C1 NAG D . -6.18 0.89 40.50
C2 NAG D . -7.34 0.87 41.49
C3 NAG D . -7.73 -0.57 41.83
C4 NAG D . -7.96 -1.37 40.55
C5 NAG D . -6.78 -1.23 39.60
C6 NAG D . -7.02 -1.90 38.27
C7 NAG D . -7.39 2.87 42.93
C8 NAG D . -6.94 3.46 44.23
N2 NAG D . -7.01 1.61 42.70
O3 NAG D . -8.90 -0.56 42.63
O4 NAG D . -8.13 -2.75 40.88
O5 NAG D . -6.53 0.15 39.34
O6 NAG D . -8.23 -1.46 37.67
O7 NAG D . -8.05 3.50 42.13
C1 NAG D . -9.50 -3.15 40.65
C2 NAG D . -9.52 -4.61 40.20
C3 NAG D . -10.95 -5.09 40.01
C4 NAG D . -11.76 -4.84 41.27
C5 NAG D . -11.66 -3.37 41.68
C6 NAG D . -12.35 -3.07 42.98
C7 NAG D . -7.58 -5.45 38.93
C8 NAG D . -6.94 -5.53 37.58
N2 NAG D . -8.75 -4.80 38.98
O3 NAG D . -10.94 -6.49 39.71
O4 NAG D . -13.13 -5.18 41.05
O5 NAG D . -10.28 -3.00 41.83
O6 NAG D . -12.88 -1.74 42.99
O7 NAG D . -7.07 -5.93 39.93
C1 NAG E . -4.71 10.86 29.87
C2 NAG E . -5.10 12.32 30.11
C3 NAG E . -4.13 13.25 29.37
C4 NAG E . -2.69 12.91 29.70
C5 NAG E . -2.43 11.42 29.43
C6 NAG E . -1.05 10.98 29.81
C7 NAG E . -7.18 13.63 30.13
C8 NAG E . -8.57 13.74 29.60
N2 NAG E . -6.46 12.58 29.70
O3 NAG E . -4.40 14.61 29.73
O4 NAG E . -1.80 13.68 28.90
O5 NAG E . -3.34 10.64 30.21
O6 NAG E . -1.01 9.58 30.02
O7 NAG E . -6.71 14.46 30.91
C01 A1AT0 F . -9.47 -8.71 3.80
C03 A1AT0 F . -8.55 -9.60 1.79
C04 A1AT0 F . -7.88 -8.40 1.54
C05 A1AT0 F . -7.14 -8.22 0.38
C06 A1AT0 F . -7.03 -9.20 -0.63
C07 A1AT0 F . -7.71 -10.40 -0.35
C08 A1AT0 F . -8.45 -10.60 0.81
C09 A1AT0 F . -6.20 -9.04 -1.93
C10 A1AT0 F . -5.79 -10.36 -2.63
C12 A1AT0 F . -5.83 -10.11 -4.14
C13 A1AT0 F . -5.33 -10.90 -5.18
C14 A1AT0 F . -5.49 -10.45 -6.51
C15 A1AT0 F . -6.13 -9.25 -6.76
C16 A1AT0 F . -6.63 -8.46 -5.70
C17 A1AT0 F . -6.47 -8.90 -4.40
C18 A1AT0 F . -6.91 -8.26 -3.08
O02 A1AT0 F . -9.29 -9.81 2.93
O11 A1AT0 F . -5.48 -11.32 -2.07
O19 A1AT0 F . -7.62 -7.36 -2.90
C1 CLR G . 11.75 -4.04 -13.05
C2 CLR G . 11.45 -5.47 -12.67
C3 CLR G . 10.16 -5.97 -13.26
C4 CLR G . 10.18 -5.77 -14.78
C5 CLR G . 10.53 -4.36 -15.19
C6 CLR G . 9.74 -3.74 -16.05
C7 CLR G . 9.98 -2.31 -16.55
C8 CLR G . 11.42 -1.89 -16.27
C9 CLR G . 11.80 -2.26 -14.82
C10 CLR G . 11.79 -3.78 -14.56
C11 CLR G . 13.11 -1.60 -14.37
C12 CLR G . 13.12 -0.09 -14.62
C13 CLR G . 12.94 0.16 -16.12
C14 CLR G . 11.51 -0.39 -16.42
C15 CLR G . 11.15 0.21 -17.81
C16 CLR G . 11.75 1.65 -17.71
C17 CLR G . 12.73 1.69 -16.46
C18 CLR G . 13.98 -0.46 -16.99
C19 CLR G . 13.04 -4.42 -15.19
C20 CLR G . 13.98 2.47 -16.84
C21 CLR G . 14.99 2.70 -15.70
C22 CLR G . 13.40 3.89 -17.21
C23 CLR G . 12.99 4.68 -15.98
C24 CLR G . 12.90 6.16 -16.49
C25 CLR G . 14.31 6.63 -16.85
C26 CLR G . 15.10 6.72 -15.54
C27 CLR G . 14.33 7.91 -17.69
O1 CLR G . 9.89 -7.31 -12.94
C27 PEE H . 8.34 -25.45 -18.51
C26 PEE H . 9.26 -24.89 -17.44
C25 PEE H . 9.78 -23.50 -17.84
C24 PEE H . 8.67 -22.63 -18.41
C23 PEE H . 9.20 -21.42 -19.18
C22 PEE H . 8.39 -20.18 -18.85
C21 PEE H . 7.25 -20.35 -17.84
C20 PEE H . 5.90 -19.85 -18.33
C19 PEE H . 5.19 -20.86 -19.22
C18 PEE H . 4.65 -20.21 -20.49
C17 PEE H . 3.13 -20.26 -20.57
C16 PEE H . 2.66 -19.71 -21.93
C15 PEE H . 3.29 -20.46 -23.11
C14 PEE H . 2.81 -21.91 -23.20
C13 PEE H . 2.13 -22.25 -24.52
C12 PEE H . 1.01 -21.25 -24.83
C11 PEE H . -0.12 -21.90 -25.60
C10 PEE H . -1.23 -20.90 -25.74
O4 PEE H . -1.08 -19.71 -25.90
O2 PEE H . -2.48 -21.42 -25.67
C2 PEE H . -3.51 -20.55 -25.32
C1 PEE H . -4.72 -20.99 -26.16
O3P PEE H . -5.73 -20.10 -25.89
P PEE H . -7.18 -20.10 -26.69
O2P PEE H . -7.02 -20.83 -27.98
O1P PEE H . -7.93 -18.88 -26.30
O4P PEE H . -7.80 -21.32 -25.58
C4 PEE H . -8.49 -20.93 -24.48
C5 PEE H . -9.06 -22.21 -23.83
N PEE H . -10.55 -22.23 -24.07
C3 PEE H . -3.82 -20.75 -23.83
O3 PEE H . -2.66 -20.49 -23.07
C30 PEE H . -2.63 -19.42 -22.25
O5 PEE H . -3.54 -18.62 -22.26
C31 PEE H . -1.42 -19.36 -21.37
C32 PEE H . -1.64 -18.36 -20.25
C33 PEE H . -2.59 -18.86 -19.18
C34 PEE H . -1.87 -19.21 -17.87
C35 PEE H . -2.16 -20.62 -17.36
C36 PEE H . -3.59 -20.75 -16.79
C37 PEE H . -3.83 -22.09 -16.06
C38 PEE H . -2.84 -23.18 -16.47
C39 PEE H . -3.35 -24.61 -16.21
C40 PEE H . -3.40 -25.51 -17.45
C41 PEE H . -3.49 -24.77 -18.80
C42 PEE H . -2.17 -24.82 -19.61
C43 PEE H . -1.66 -23.43 -20.01
C44 PEE H . -0.44 -23.45 -20.93
C45 PEE H . 0.92 -23.52 -20.22
C46 PEE H . 1.85 -24.57 -20.83
C47 PEE H . 1.25 -25.98 -20.74
C27 PEE I . -12.46 -5.68 -21.05
C26 PEE I . -13.39 -5.64 -19.85
C25 PEE I . -14.68 -4.89 -20.14
C24 PEE I . -15.77 -5.29 -19.15
C23 PEE I . -16.16 -4.16 -18.19
C22 PEE I . -15.41 -4.34 -16.88
C21 PEE I . -15.88 -3.46 -15.71
C20 PEE I . -15.63 -1.98 -15.90
C19 PEE I . -15.27 -1.29 -14.60
C18 PEE I . -13.98 -0.48 -14.74
C17 PEE I . -14.10 0.93 -14.20
C16 PEE I . -15.25 1.66 -14.91
C15 PEE I . -15.31 3.15 -14.60
C14 PEE I . -15.39 3.41 -13.09
C13 PEE I . -14.30 4.36 -12.60
C12 PEE I . -14.72 5.06 -11.31
C11 PEE I . -13.86 4.63 -10.13
C10 PEE I . -14.37 5.30 -8.88
O4 PEE I . -15.55 5.50 -8.65
O2 PEE I . -13.41 5.68 -8.01
C2 PEE I . -13.73 6.70 -7.10
C1 PEE I . -13.47 6.12 -5.68
O3P PEE I . -12.43 6.85 -5.11
P PEE I . -11.98 6.74 -3.53
O2P PEE I . -10.60 6.18 -3.44
O1P PEE I . -13.22 6.54 -2.72
O4P PEE I . -11.71 8.49 -3.45
C4 PEE I . -11.59 9.06 -2.22
C5 PEE I . -10.08 9.12 -1.88
N PEE I . -9.90 8.60 -0.45
C3 PEE I . -12.81 7.91 -7.38
O3 PEE I . -13.59 9.02 -7.76
C30 PEE I . -13.89 9.24 -9.05
O5 PEE I . -13.48 8.48 -9.91
C31 PEE I . -14.72 10.47 -9.28
C32 PEE I . -15.28 10.45 -10.70
C33 PEE I . -14.32 10.99 -11.76
C34 PEE I . -13.59 12.26 -11.31
C35 PEE I . -14.10 13.56 -11.98
C36 PEE I . -15.49 13.97 -11.47
C37 PEE I . -15.88 15.41 -11.87
C38 PEE I . -16.78 15.44 -13.12
C39 PEE I . -16.98 16.84 -13.71
C40 PEE I . -18.20 16.96 -14.64
C41 PEE I . -17.99 17.91 -15.84
C42 PEE I . -17.18 17.26 -16.97
C43 PEE I . -15.94 18.07 -17.37
C44 PEE I . -15.20 17.53 -18.62
C45 PEE I . -14.47 18.58 -19.46
C46 PEE I . -13.85 17.98 -20.73
C47 PEE I . -13.05 19.01 -21.52
CAA Y01 J . -14.34 30.87 -13.45
CBA Y01 J . -14.36 30.84 -14.96
CAB Y01 J . -15.77 31.09 -15.50
CAN Y01 J . -13.77 29.55 -15.57
CAJ Y01 J . -13.41 28.43 -14.60
CAO Y01 J . -13.69 27.05 -15.19
CBB Y01 J . -12.97 25.92 -14.43
CAC Y01 J . -13.85 25.42 -13.30
CBE Y01 J . -12.63 24.84 -15.47
CAP Y01 J . -11.47 25.38 -16.38
CAQ Y01 J . -10.58 24.16 -16.72
CBG Y01 J . -11.50 23.01 -16.38
CBI Y01 J . -12.09 23.45 -15.05
CAE Y01 J . -11.03 23.52 -13.96
CAU Y01 J . -13.19 22.44 -14.71
CAS Y01 J . -12.72 20.98 -14.74
CBF Y01 J . -11.97 20.56 -16.03
CBD Y01 J . -10.90 21.61 -16.33
CAK Y01 J . -10.25 21.30 -17.66
CAI Y01 J . -9.95 19.94 -17.88
CAZ Y01 J . -10.44 18.89 -17.14
CAV Y01 J . -9.97 17.57 -17.61
CBH Y01 J . -11.34 19.14 -15.98
CAD Y01 J . -10.56 18.90 -14.69
CAT Y01 J . -12.45 18.07 -16.07
CAR Y01 J . -11.95 16.65 -16.28
CBC Y01 J . -11.10 16.54 -17.56
OAW Y01 J . -10.40 15.31 -17.70
CAY Y01 J . -11.16 14.18 -17.73
OAG Y01 J . -10.84 13.38 -16.82
CAM Y01 J . -12.22 13.96 -18.72
CAL Y01 J . -11.98 12.76 -19.61
CAX Y01 J . -12.06 11.44 -18.82
OAH Y01 J . -13.13 11.23 -18.18
OAF Y01 J . -11.08 10.67 -18.89
C27 PEE K . 15.46 -5.85 -10.66
C26 PEE K . 16.48 -6.21 -11.73
C25 PEE K . 17.74 -6.81 -11.10
C24 PEE K . 18.73 -5.72 -10.66
C23 PEE K . 20.14 -6.27 -10.41
C22 PEE K . 20.70 -5.65 -9.13
C21 PEE K . 21.91 -6.36 -8.51
C20 PEE K . 23.00 -6.75 -9.51
C19 PEE K . 24.00 -5.62 -9.73
C18 PEE K . 25.19 -5.72 -8.77
C17 PEE K . 25.71 -4.34 -8.36
C16 PEE K . 24.56 -3.52 -7.77
C15 PEE K . 25.01 -2.15 -7.25
C14 PEE K . 25.89 -2.29 -6.00
C13 PEE K . 25.55 -1.25 -4.92
C12 PEE K . 25.36 0.14 -5.53
C11 PEE K . 25.60 1.26 -4.51
C10 PEE K . 24.80 1.00 -3.26
O4 PEE K . 25.27 0.56 -2.22
O2 PEE K . 23.49 1.30 -3.37
C2 PEE K . 22.66 0.97 -2.27
C1 PEE K . 22.10 2.31 -1.74
O3P PEE K . 21.70 2.07 -0.45
P PEE K . 20.69 3.05 0.42
O2P PEE K . 20.04 4.02 -0.51
O1P PEE K . 20.20 2.31 1.60
O4P PEE K . 22.08 3.96 1.05
C4 PEE K . 22.43 3.78 2.36
C5 PEE K . 23.20 5.07 2.81
N PEE K . 22.34 6.27 2.45
C3 PEE K . 21.51 0.09 -2.80
O3 PEE K . 21.48 0.14 -4.20
C30 PEE K . 21.40 -1.01 -4.91
O5 PEE K . 22.40 -1.45 -5.47
C31 PEE K . 20.04 -1.65 -4.92
C32 PEE K . 19.99 -2.73 -5.99
C33 PEE K . 19.16 -3.94 -5.61
C34 PEE K . 17.67 -3.64 -5.56
C35 PEE K . 16.80 -4.84 -5.19
C36 PEE K . 15.56 -4.43 -4.42
C37 PEE K . 14.24 -4.71 -5.16
C38 PEE K . 14.43 -5.29 -6.56
C39 PEE K . 13.12 -5.78 -7.19
C40 PEE K . 12.59 -4.88 -8.32
C41 PEE K . 11.20 -4.28 -8.07
C42 PEE K . 11.07 -2.88 -8.68
C43 PEE K . 12.37 -2.08 -8.57
C44 PEE K . 12.95 -1.59 -9.91
C45 PEE K . 14.28 -2.22 -10.32
C46 PEE K . 15.24 -1.20 -10.95
C47 PEE K . 16.67 -1.73 -10.98
C BCT L . -2.06 -11.72 -0.58
O1 BCT L . -3.07 -12.02 0.02
O2 BCT L . -1.93 -10.74 -1.30
O3 BCT L . -1.01 -12.50 -0.44
#